data_9G8F
#
_entry.id   9G8F
#
_cell.length_a   71.883
_cell.length_b   84.937
_cell.length_c   107.02
_cell.angle_alpha   90
_cell.angle_beta   108.399
_cell.angle_gamma   90
#
_symmetry.space_group_name_H-M   'P 1 21 1'
#
loop_
_entity.id
_entity.type
_entity.pdbx_description
1 polymer 'Lignostilbene dioxygenase'
2 non-polymer ortho-vanillin
3 non-polymer 'FE (II) ION'
4 water water
#
_entity_poly.entity_id   1
_entity_poly.type   'polypeptide(L)'
_entity_poly.pdbx_seq_one_letter_code
;MWSHPQFEKAPTATQEPVPVPVTSKAAPSHGYVHPTDILPSGWPTATDLSGGAQPRRFEGTIFDVMTRGTIPKELHGTFY
RIMPDYAQPPTYYKGGELNAPIDGDGTVAAFRFKDGKVDYRQRFVETDRFKVERRARKSMYGLYRNPYTHHPCVRQTVES
TANTNVVMHAGRFLAMKENGNAYEMDPHTLKTLGYNPFNLPSKTMTAHPKQCSVTGNLVGFGYEAKGLATKDVYYFEVDP
SGKVVRDLWLEAPWCAFIHDCALTPNYLVLMLWPFEANLERMKAGGHHWAYDYTKPITWITIPRGAKSKDEVKYWHWKNG
MPIHTASGFEDEQGRIIIDSSLVHGNAFPFFPPDSDEQKKKQEADGTPKAQFVRWTIDPRKDNNEQLPDPEVILDTPSEF
PQIDNRFMGVEYSSAFINVFVPDRSDGNKNVFQGLNGLAHYKRKEGTTEWYYAGDNCLIQEPVFSPRSKDAPEGDGFVLA
IVDRLDLNRSEVVVIDTRDFTKAVAAVQLPFAIRSGIHGQWIPGEVTPDFETKGLVDLPKEEHWAPLSQSPYDPDA
;
_entity_poly.pdbx_strand_id   A,B
#
# COMPACT_ATOMS: atom_id res chain seq x y z
N TYR A 32 25.45 -10.66 9.36
CA TYR A 32 25.14 -10.68 7.89
C TYR A 32 24.71 -9.28 7.44
N VAL A 33 25.29 -8.83 6.31
CA VAL A 33 24.85 -7.60 5.65
C VAL A 33 24.62 -7.91 4.17
N HIS A 34 23.44 -7.47 3.70
CA HIS A 34 23.00 -7.59 2.32
C HIS A 34 23.63 -6.45 1.52
N PRO A 35 24.43 -6.74 0.46
CA PRO A 35 25.18 -5.72 -0.29
C PRO A 35 24.37 -4.52 -0.80
N THR A 36 23.12 -4.72 -1.21
CA THR A 36 22.23 -3.62 -1.58
C THR A 36 21.89 -2.70 -0.39
N ASP A 37 22.01 -3.20 0.86
CA ASP A 37 21.67 -2.39 2.03
C ASP A 37 22.69 -1.28 2.32
N ILE A 38 23.92 -1.44 1.82
CA ILE A 38 24.98 -0.46 2.03
C ILE A 38 25.03 0.57 0.90
N LEU A 39 24.22 0.35 -0.15
CA LEU A 39 23.97 1.34 -1.18
C LEU A 39 23.34 2.56 -0.53
N PRO A 40 23.77 3.79 -0.95
CA PRO A 40 23.30 5.05 -0.38
C PRO A 40 21.85 5.42 -0.68
N SER A 41 21.18 5.69 0.43
CA SER A 41 19.97 6.45 0.51
C SER A 41 20.35 7.94 0.51
N GLY A 42 19.50 8.72 -0.17
CA GLY A 42 19.55 10.17 -0.11
C GLY A 42 18.50 10.71 0.86
N TRP A 43 17.93 9.81 1.71
CA TRP A 43 16.97 10.17 2.73
C TRP A 43 17.65 10.49 4.06
N PRO A 44 17.33 11.65 4.68
CA PRO A 44 17.66 11.86 6.08
C PRO A 44 16.77 11.03 6.98
N THR A 45 17.17 10.96 8.24
CA THR A 45 16.31 10.34 9.23
C THR A 45 15.05 11.18 9.40
N ALA A 46 13.92 10.64 8.96
CA ALA A 46 12.65 11.36 9.05
C ALA A 46 11.74 10.64 10.05
N THR A 47 11.85 11.04 11.34
CA THR A 47 11.11 10.34 12.38
C THR A 47 9.65 10.80 12.42
N ASP A 48 8.79 9.96 12.99
CA ASP A 48 7.49 10.36 13.49
C ASP A 48 7.54 10.41 15.02
N LEU A 49 6.44 10.82 15.65
CA LEU A 49 6.36 11.00 17.10
C LEU A 49 6.81 9.79 17.88
N SER A 50 6.52 8.58 17.35
CA SER A 50 6.84 7.31 18.02
C SER A 50 8.34 7.04 18.09
N GLY A 51 9.10 7.67 17.18
CA GLY A 51 10.51 7.50 17.03
C GLY A 51 10.81 6.66 15.78
N GLY A 52 9.74 6.14 15.16
CA GLY A 52 9.83 5.33 13.96
C GLY A 52 10.38 6.15 12.81
N ALA A 53 11.19 5.52 11.95
CA ALA A 53 11.79 6.34 10.90
C ALA A 53 11.59 5.78 9.51
N GLN A 54 10.64 4.84 9.31
CA GLN A 54 10.52 4.31 7.98
C GLN A 54 9.52 5.15 7.18
N PRO A 55 9.92 5.80 6.05
CA PRO A 55 8.96 6.47 5.17
C PRO A 55 7.98 5.43 4.61
N ARG A 56 6.70 5.83 4.45
CA ARG A 56 5.67 4.90 3.97
C ARG A 56 5.15 5.42 2.64
N ARG A 57 4.33 6.48 2.69
CA ARG A 57 4.01 7.36 1.56
C ARG A 57 3.14 6.71 0.49
N PHE A 58 2.46 5.61 0.79
CA PHE A 58 1.58 5.08 -0.24
C PHE A 58 0.24 5.82 -0.20
N GLU A 59 -0.35 5.91 -1.39
CA GLU A 59 -1.70 6.46 -1.52
C GLU A 59 -2.56 5.46 -2.28
N GLY A 60 -3.61 5.01 -1.66
CA GLY A 60 -4.47 4.00 -2.28
C GLY A 60 -5.43 3.31 -1.33
N THR A 61 -5.93 2.12 -1.75
CA THR A 61 -7.01 1.43 -1.04
C THR A 61 -6.73 -0.06 -0.89
N ILE A 62 -7.42 -0.62 0.08
CA ILE A 62 -7.71 -2.06 0.21
C ILE A 62 -9.20 -2.24 0.48
N PHE A 63 -9.87 -2.97 -0.44
CA PHE A 63 -11.28 -3.25 -0.22
C PHE A 63 -11.39 -4.53 0.62
N ASP A 64 -12.25 -4.50 1.64
CA ASP A 64 -12.48 -5.70 2.43
C ASP A 64 -11.19 -6.11 3.16
N VAL A 65 -10.65 -5.18 3.99
CA VAL A 65 -9.45 -5.42 4.82
C VAL A 65 -9.58 -6.74 5.61
N MET A 66 -8.54 -7.56 5.58
CA MET A 66 -8.52 -8.80 6.35
C MET A 66 -8.79 -8.56 7.84
N THR A 67 -9.75 -9.30 8.43
CA THR A 67 -10.00 -9.13 9.86
C THR A 67 -9.81 -10.46 10.62
N ARG A 68 -9.40 -10.35 11.89
CA ARG A 68 -9.34 -11.47 12.81
C ARG A 68 -10.43 -11.20 13.86
N GLY A 69 -11.20 -12.25 14.20
CA GLY A 69 -12.36 -12.09 15.09
C GLY A 69 -13.54 -11.50 14.35
N THR A 70 -14.51 -10.93 15.09
CA THR A 70 -15.75 -10.45 14.51
C THR A 70 -15.85 -8.94 14.70
N ILE A 71 -16.03 -8.23 13.58
CA ILE A 71 -16.27 -6.78 13.57
C ILE A 71 -17.69 -6.51 14.06
N PRO A 72 -17.88 -5.75 15.17
CA PRO A 72 -19.24 -5.49 15.64
C PRO A 72 -20.11 -4.82 14.57
N LYS A 73 -21.32 -5.33 14.35
CA LYS A 73 -22.26 -4.72 13.44
C LYS A 73 -22.70 -3.35 13.90
N GLU A 74 -22.35 -2.99 15.14
CA GLU A 74 -22.76 -1.69 15.69
C GLU A 74 -21.88 -0.57 15.17
N LEU A 75 -20.68 -0.93 14.66
CA LEU A 75 -19.84 0.12 14.09
C LEU A 75 -20.44 0.57 12.76
N HIS A 76 -20.73 1.88 12.62
CA HIS A 76 -21.23 2.44 11.38
C HIS A 76 -20.63 3.84 11.16
N GLY A 77 -19.51 3.89 10.40
CA GLY A 77 -18.78 5.14 10.42
C GLY A 77 -17.35 4.96 9.95
N THR A 78 -16.49 5.97 10.23
CA THR A 78 -15.16 5.91 9.64
C THR A 78 -14.17 6.31 10.73
N PHE A 79 -13.10 5.49 10.93
CA PHE A 79 -11.98 5.91 11.77
C PHE A 79 -10.97 6.56 10.85
N TYR A 80 -10.82 7.89 10.99
CA TYR A 80 -9.86 8.63 10.20
C TYR A 80 -8.65 8.95 11.06
N ARG A 81 -7.45 8.72 10.51
CA ARG A 81 -6.27 8.90 11.34
C ARG A 81 -5.32 9.71 10.52
N ILE A 82 -4.52 10.60 11.16
CA ILE A 82 -3.67 11.44 10.32
C ILE A 82 -2.24 11.26 10.79
N MET A 83 -1.32 11.15 9.83
CA MET A 83 0.06 10.92 10.19
C MET A 83 0.99 11.93 9.49
N PRO A 84 2.22 12.20 10.05
CA PRO A 84 3.22 12.90 9.32
C PRO A 84 4.05 11.92 8.51
N ASP A 85 4.27 12.18 7.23
CA ASP A 85 4.97 11.16 6.47
C ASP A 85 5.57 11.89 5.27
N TYR A 86 6.68 12.58 5.48
CA TYR A 86 7.26 13.40 4.41
C TYR A 86 7.22 12.66 3.05
N ALA A 87 6.65 13.32 2.01
CA ALA A 87 6.44 12.70 0.71
C ALA A 87 7.74 12.71 -0.08
N GLN A 88 8.59 13.72 0.15
CA GLN A 88 9.90 13.89 -0.51
C GLN A 88 10.94 13.91 0.63
N PRO A 89 12.20 13.44 0.41
CA PRO A 89 13.21 13.50 1.45
C PRO A 89 13.44 14.97 1.82
N PRO A 90 13.23 15.38 3.11
CA PRO A 90 13.14 16.79 3.51
C PRO A 90 14.50 17.52 3.55
N THR A 91 15.26 17.52 2.44
CA THR A 91 16.66 17.82 2.50
C THR A 91 16.93 19.32 2.33
N TYR A 92 15.92 20.19 2.11
CA TYR A 92 16.13 21.59 1.74
C TYR A 92 17.08 22.33 2.72
N TYR A 93 16.71 22.38 4.00
CA TYR A 93 17.55 23.04 4.99
C TYR A 93 18.47 22.08 5.76
N LYS A 94 19.79 22.34 5.68
CA LYS A 94 20.81 21.61 6.46
C LYS A 94 20.66 20.08 6.24
N GLY A 95 20.33 19.71 4.99
CA GLY A 95 20.15 18.33 4.55
C GLY A 95 19.05 17.64 5.34
N GLY A 96 18.18 18.45 5.98
CA GLY A 96 17.03 17.94 6.70
C GLY A 96 17.44 17.40 8.09
N GLU A 97 18.64 17.78 8.59
CA GLU A 97 19.11 17.08 9.78
C GLU A 97 18.33 17.58 11.00
N LEU A 98 17.59 18.68 10.86
CA LEU A 98 16.83 19.18 12.01
C LEU A 98 15.32 19.02 11.85
N ASN A 99 14.86 18.14 10.94
CA ASN A 99 13.42 17.93 10.74
C ASN A 99 12.87 17.41 12.07
N ALA A 100 11.66 17.87 12.45
CA ALA A 100 11.07 17.50 13.72
C ALA A 100 10.07 16.33 13.46
N PRO A 101 9.79 15.41 14.41
CA PRO A 101 8.75 14.39 14.21
C PRO A 101 7.35 14.89 13.81
N ILE A 102 7.07 16.18 14.11
CA ILE A 102 5.81 16.85 13.87
C ILE A 102 5.81 17.53 12.52
N ASP A 103 6.88 17.38 11.70
CA ASP A 103 6.95 18.13 10.47
C ASP A 103 6.24 17.52 9.26
N GLY A 104 6.24 16.19 9.12
CA GLY A 104 6.10 15.64 7.75
C GLY A 104 4.70 15.86 7.16
N ASP A 105 4.65 15.89 5.82
CA ASP A 105 3.43 16.06 5.02
C ASP A 105 2.30 15.18 5.55
N GLY A 106 1.14 15.79 5.82
CA GLY A 106 0.00 15.05 6.31
C GLY A 106 -0.58 13.99 5.38
N THR A 107 -0.78 12.77 5.91
CA THR A 107 -1.46 11.75 5.13
C THR A 107 -2.59 11.18 5.99
N VAL A 108 -3.75 10.91 5.40
CA VAL A 108 -4.96 10.51 6.13
C VAL A 108 -5.19 9.04 5.81
N ALA A 109 -5.32 8.21 6.84
CA ALA A 109 -5.71 6.82 6.66
C ALA A 109 -7.19 6.73 7.01
N ALA A 110 -8.06 6.20 6.12
CA ALA A 110 -9.46 6.09 6.55
C ALA A 110 -9.82 4.61 6.65
N PHE A 111 -10.52 4.22 7.73
CA PHE A 111 -10.96 2.84 7.88
C PHE A 111 -12.48 2.84 8.10
N ARG A 112 -13.18 2.45 7.04
CA ARG A 112 -14.61 2.61 7.06
C ARG A 112 -15.29 1.26 7.38
N PHE A 113 -16.15 1.31 8.40
CA PHE A 113 -16.86 0.22 9.02
C PHE A 113 -18.35 0.37 8.66
N LYS A 114 -18.83 -0.56 7.84
CA LYS A 114 -20.20 -0.59 7.36
C LYS A 114 -20.62 -2.05 7.30
N ASP A 115 -21.60 -2.39 8.14
CA ASP A 115 -22.20 -3.71 8.11
C ASP A 115 -21.14 -4.79 8.30
N GLY A 116 -20.19 -4.53 9.20
CA GLY A 116 -19.17 -5.47 9.56
C GLY A 116 -18.04 -5.59 8.51
N LYS A 117 -18.15 -4.93 7.36
CA LYS A 117 -17.01 -4.91 6.42
C LYS A 117 -16.16 -3.68 6.73
N VAL A 118 -14.85 -3.73 6.41
CA VAL A 118 -13.91 -2.66 6.71
C VAL A 118 -13.14 -2.39 5.43
N ASP A 119 -13.13 -1.11 5.00
CA ASP A 119 -12.27 -0.77 3.86
C ASP A 119 -11.29 0.31 4.32
N TYR A 120 -10.21 0.47 3.52
CA TYR A 120 -9.18 1.39 3.93
C TYR A 120 -8.81 2.19 2.70
N ARG A 121 -8.49 3.49 2.97
CA ARG A 121 -7.93 4.42 2.03
C ARG A 121 -6.87 5.29 2.75
N GLN A 122 -5.72 5.44 2.07
CA GLN A 122 -4.76 6.44 2.51
C GLN A 122 -4.48 7.43 1.38
N ARG A 123 -4.37 8.74 1.76
CA ARG A 123 -4.06 9.74 0.78
C ARG A 123 -3.38 10.95 1.46
N PHE A 124 -2.37 11.47 0.77
CA PHE A 124 -1.74 12.73 1.24
C PHE A 124 -2.67 13.91 1.05
N VAL A 125 -2.66 14.81 2.06
CA VAL A 125 -3.31 16.10 1.97
C VAL A 125 -2.54 16.91 0.90
N GLU A 126 -3.27 17.42 -0.10
CA GLU A 126 -2.65 18.23 -1.14
C GLU A 126 -2.50 19.66 -0.64
N THR A 127 -1.66 19.87 0.39
CA THR A 127 -1.34 21.21 0.86
C THR A 127 -0.55 21.93 -0.22
N ASP A 128 -0.53 23.28 -0.12
CA ASP A 128 0.25 24.06 -1.06
C ASP A 128 1.70 23.61 -1.06
N ARG A 129 2.20 23.35 0.16
CA ARG A 129 3.57 22.87 0.34
C ARG A 129 3.82 21.53 -0.36
N PHE A 130 2.87 20.59 -0.18
CA PHE A 130 2.92 19.28 -0.81
C PHE A 130 3.00 19.42 -2.30
N LYS A 131 2.11 20.32 -2.85
CA LYS A 131 2.06 20.43 -4.27
C LYS A 131 3.36 20.93 -4.86
N VAL A 132 3.93 21.98 -4.22
CA VAL A 132 5.22 22.54 -4.60
C VAL A 132 6.26 21.44 -4.66
N GLU A 133 6.42 20.73 -3.55
CA GLU A 133 7.44 19.66 -3.43
C GLU A 133 7.22 18.48 -4.38
N ARG A 134 5.95 18.11 -4.64
CA ARG A 134 5.71 16.96 -5.50
C ARG A 134 6.03 17.40 -6.94
N ARG A 135 5.60 18.64 -7.29
CA ARG A 135 5.77 19.06 -8.68
C ARG A 135 7.25 19.25 -9.00
N ALA A 136 7.99 19.79 -8.00
CA ALA A 136 9.42 20.04 -8.03
C ALA A 136 10.24 18.77 -7.88
N ARG A 137 9.64 17.66 -7.38
CA ARG A 137 10.32 16.44 -6.97
C ARG A 137 11.47 16.87 -6.04
N LYS A 138 11.16 17.72 -5.05
CA LYS A 138 12.26 18.37 -4.32
C LYS A 138 11.76 19.02 -3.03
N SER A 139 12.52 18.84 -1.94
CA SER A 139 12.19 19.54 -0.70
C SER A 139 12.51 21.03 -0.92
N MET A 140 11.60 21.90 -0.47
CA MET A 140 11.69 23.34 -0.65
C MET A 140 11.38 24.06 0.66
N TYR A 141 11.18 23.27 1.74
CA TYR A 141 10.81 23.82 3.04
C TYR A 141 11.84 23.44 4.09
N GLY A 142 12.13 24.36 5.02
CA GLY A 142 13.11 24.08 6.08
C GLY A 142 12.44 23.65 7.39
N LEU A 143 12.82 24.34 8.47
CA LEU A 143 12.42 24.00 9.83
C LEU A 143 10.92 24.21 10.04
N TYR A 144 10.38 23.47 11.00
CA TYR A 144 9.00 23.60 11.43
C TYR A 144 8.73 25.07 11.75
N ARG A 145 7.69 25.66 11.15
CA ARG A 145 7.30 27.05 11.42
C ARG A 145 8.43 28.05 11.26
N ASN A 146 9.39 27.76 10.32
CA ASN A 146 10.31 28.86 10.07
C ASN A 146 10.41 29.15 8.58
N PRO A 147 9.58 30.06 8.04
CA PRO A 147 9.70 30.50 6.65
C PRO A 147 11.07 31.09 6.25
N TYR A 148 11.87 31.58 7.21
CA TYR A 148 13.18 32.15 6.90
C TYR A 148 14.17 31.07 6.42
N THR A 149 13.81 29.80 6.66
CA THR A 149 14.59 28.63 6.25
C THR A 149 13.93 27.89 5.06
N HIS A 150 12.85 28.45 4.49
CA HIS A 150 12.25 27.85 3.32
C HIS A 150 12.97 28.42 2.11
N HIS A 151 12.78 27.78 0.95
CA HIS A 151 13.35 28.29 -0.30
C HIS A 151 12.69 29.65 -0.57
N PRO A 152 13.49 30.70 -0.96
CA PRO A 152 12.98 32.05 -1.21
C PRO A 152 11.67 32.12 -1.97
N CYS A 153 11.47 31.20 -2.92
CA CYS A 153 10.28 31.23 -3.79
C CYS A 153 9.02 30.79 -3.03
N VAL A 154 9.16 30.08 -1.90
CA VAL A 154 8.01 29.57 -1.14
C VAL A 154 7.79 30.27 0.22
N ARG A 155 8.56 31.32 0.54
CA ARG A 155 8.52 31.83 1.92
C ARG A 155 7.15 32.41 2.24
N GLN A 156 6.46 32.94 1.22
CA GLN A 156 5.16 33.56 1.41
C GLN A 156 4.02 32.63 1.02
N THR A 157 4.24 31.31 1.17
CA THR A 157 3.20 30.32 0.97
C THR A 157 2.59 29.98 2.32
N VAL A 158 1.46 29.28 2.28
CA VAL A 158 0.95 28.61 3.48
C VAL A 158 1.90 27.40 3.65
N GLU A 159 2.57 27.35 4.81
CA GLU A 159 3.62 26.35 5.06
C GLU A 159 3.08 25.09 5.76
N SER A 160 1.79 25.09 6.11
CA SER A 160 1.15 23.98 6.82
C SER A 160 1.23 22.64 6.07
N THR A 161 1.63 21.57 6.80
CA THR A 161 1.60 20.21 6.26
C THR A 161 0.27 19.54 6.64
N ALA A 162 -0.62 20.22 7.42
CA ALA A 162 -1.96 19.69 7.70
C ALA A 162 -1.90 18.23 8.16
N ASN A 163 -1.21 17.99 9.25
CA ASN A 163 -0.83 16.61 9.60
C ASN A 163 -1.12 16.25 11.06
N THR A 164 -1.97 17.03 11.75
CA THR A 164 -2.17 16.85 13.19
C THR A 164 -3.51 16.22 13.55
N ASN A 165 -4.62 16.65 12.95
CA ASN A 165 -5.93 16.22 13.44
C ASN A 165 -6.97 16.43 12.32
N VAL A 166 -8.15 15.79 12.50
CA VAL A 166 -9.21 15.87 11.52
C VAL A 166 -10.53 16.17 12.22
N VAL A 167 -11.47 16.76 11.44
CA VAL A 167 -12.81 17.03 11.99
C VAL A 167 -13.83 17.02 10.84
N MET A 168 -15.08 16.63 11.12
CA MET A 168 -16.18 16.72 10.15
C MET A 168 -17.16 17.70 10.76
N HIS A 169 -17.29 18.89 10.12
CA HIS A 169 -18.14 19.94 10.68
C HIS A 169 -18.94 20.57 9.55
N ALA A 170 -20.25 20.67 9.80
CA ALA A 170 -21.20 21.25 8.84
C ALA A 170 -21.01 20.62 7.44
N GLY A 171 -20.90 19.29 7.42
CA GLY A 171 -20.79 18.45 6.24
C GLY A 171 -19.43 18.54 5.57
N ARG A 172 -18.46 19.22 6.22
CA ARG A 172 -17.12 19.45 5.65
C ARG A 172 -16.04 18.74 6.44
N PHE A 173 -15.17 18.03 5.72
CA PHE A 173 -14.11 17.23 6.31
C PHE A 173 -12.80 17.96 6.20
N LEU A 174 -12.16 18.17 7.36
CA LEU A 174 -11.00 19.05 7.46
C LEU A 174 -9.78 18.30 8.00
N ALA A 175 -8.61 18.56 7.36
CA ALA A 175 -7.29 18.28 7.91
C ALA A 175 -6.67 19.57 8.43
N MET A 176 -6.10 19.50 9.65
CA MET A 176 -5.75 20.66 10.43
C MET A 176 -4.28 20.59 10.88
N LYS A 177 -3.65 21.74 10.91
CA LYS A 177 -2.38 21.98 11.59
C LYS A 177 -2.41 23.44 12.06
N GLU A 178 -1.88 23.69 13.27
CA GLU A 178 -2.11 24.93 13.99
C GLU A 178 -1.41 26.14 13.38
N ASN A 179 -0.45 25.94 12.39
CA ASN A 179 0.22 27.05 11.74
C ASN A 179 -0.53 27.53 10.48
N GLY A 180 -1.71 26.99 10.20
CA GLY A 180 -2.54 27.51 9.10
C GLY A 180 -4.02 27.25 9.32
N ASN A 181 -4.86 27.73 8.40
CA ASN A 181 -6.23 27.28 8.32
C ASN A 181 -6.22 25.83 7.83
N ALA A 182 -7.39 25.21 7.94
CA ALA A 182 -7.57 23.81 7.57
C ALA A 182 -7.65 23.66 6.05
N TYR A 183 -7.34 22.45 5.58
CA TYR A 183 -7.63 22.04 4.22
C TYR A 183 -8.85 21.12 4.25
N GLU A 184 -9.77 21.34 3.29
CA GLU A 184 -10.86 20.39 3.15
C GLU A 184 -10.50 19.26 2.19
N MET A 185 -11.05 18.09 2.48
CA MET A 185 -10.87 16.92 1.63
C MET A 185 -12.24 16.27 1.46
N ASP A 186 -12.35 15.60 0.35
CA ASP A 186 -13.50 14.74 0.13
C ASP A 186 -13.46 13.57 1.12
N PRO A 187 -14.55 13.23 1.89
CA PRO A 187 -14.41 12.20 2.91
C PRO A 187 -14.41 10.75 2.40
N HIS A 188 -14.57 10.58 1.08
CA HIS A 188 -14.65 9.25 0.52
C HIS A 188 -13.40 8.95 -0.33
N THR A 189 -12.99 9.91 -1.16
CA THR A 189 -11.84 9.74 -2.05
C THR A 189 -10.60 10.33 -1.39
N LEU A 190 -10.81 11.15 -0.33
CA LEU A 190 -9.77 11.97 0.31
C LEU A 190 -9.09 12.95 -0.67
N LYS A 191 -9.73 13.25 -1.82
CA LYS A 191 -9.24 14.34 -2.68
C LYS A 191 -9.31 15.68 -1.94
N THR A 192 -8.22 16.50 -2.07
CA THR A 192 -8.18 17.86 -1.54
C THR A 192 -9.11 18.78 -2.37
N LEU A 193 -10.00 19.47 -1.68
CA LEU A 193 -11.03 20.33 -2.29
C LEU A 193 -10.68 21.82 -2.14
N GLY A 194 -9.86 22.23 -1.15
CA GLY A 194 -9.73 23.66 -0.87
C GLY A 194 -9.08 23.94 0.47
N TYR A 195 -8.77 25.22 0.70
CA TYR A 195 -8.18 25.76 1.95
C TYR A 195 -9.12 26.77 2.60
N ASN A 196 -9.17 26.71 3.94
CA ASN A 196 -9.98 27.59 4.77
C ASN A 196 -11.43 27.63 4.30
N PRO A 197 -12.15 26.48 4.35
CA PRO A 197 -13.53 26.40 3.96
C PRO A 197 -14.50 27.26 4.76
N PHE A 198 -14.21 27.47 6.05
CA PHE A 198 -15.06 28.35 6.86
C PHE A 198 -14.66 29.84 6.77
N ASN A 199 -13.67 30.16 5.94
CA ASN A 199 -13.26 31.55 5.69
C ASN A 199 -12.96 32.35 6.97
N LEU A 200 -12.25 31.73 7.91
CA LEU A 200 -11.75 32.38 9.10
C LEU A 200 -10.81 33.55 8.75
N PRO A 201 -10.95 34.68 9.45
CA PRO A 201 -10.11 35.85 9.20
C PRO A 201 -8.68 35.76 9.74
N SER A 202 -8.43 34.77 10.63
CA SER A 202 -7.10 34.59 11.20
C SER A 202 -6.24 33.88 10.14
N LYS A 203 -4.93 33.90 10.28
CA LYS A 203 -4.03 33.19 9.38
C LYS A 203 -3.85 31.74 9.88
N THR A 204 -4.44 31.43 11.07
CA THR A 204 -4.28 30.06 11.60
C THR A 204 -5.61 29.58 12.22
N MET A 205 -5.70 28.24 12.35
CA MET A 205 -6.73 27.65 13.14
C MET A 205 -6.07 26.51 13.93
N THR A 206 -6.47 26.38 15.20
CA THR A 206 -6.03 25.27 16.04
C THR A 206 -6.33 23.95 15.35
N ALA A 207 -5.52 22.92 15.66
CA ALA A 207 -5.90 21.56 15.23
C ALA A 207 -6.73 20.88 16.28
N HIS A 208 -7.09 21.63 17.34
CA HIS A 208 -7.89 21.08 18.41
C HIS A 208 -9.12 21.92 18.68
N PRO A 209 -10.00 22.18 17.66
CA PRO A 209 -11.33 22.70 17.92
C PRO A 209 -12.23 21.65 18.55
N LYS A 210 -13.16 22.16 19.31
CA LYS A 210 -14.08 21.29 20.02
C LYS A 210 -15.50 21.47 19.49
N GLN A 211 -16.21 20.35 19.30
CA GLN A 211 -17.59 20.38 18.80
C GLN A 211 -18.55 20.17 19.97
N CYS A 212 -19.10 21.29 20.36
CA CYS A 212 -20.02 21.46 21.48
C CYS A 212 -21.23 20.52 21.32
N SER A 213 -21.51 19.70 22.34
CA SER A 213 -22.62 18.77 22.23
C SER A 213 -23.97 19.44 22.43
N VAL A 214 -24.00 20.72 22.87
CA VAL A 214 -25.25 21.40 23.17
C VAL A 214 -25.69 22.21 21.95
N THR A 215 -24.81 23.06 21.43
CA THR A 215 -25.04 23.96 20.32
C THR A 215 -24.66 23.30 18.99
N GLY A 216 -23.75 22.31 18.99
CA GLY A 216 -23.23 21.82 17.71
C GLY A 216 -22.16 22.74 17.10
N ASN A 217 -21.81 23.86 17.78
CA ASN A 217 -20.76 24.79 17.33
C ASN A 217 -19.38 24.15 17.33
N LEU A 218 -18.64 24.37 16.23
CA LEU A 218 -17.21 24.10 16.22
C LEU A 218 -16.53 25.23 16.99
N VAL A 219 -16.01 24.94 18.20
CA VAL A 219 -15.51 26.05 19.02
C VAL A 219 -13.99 25.97 19.00
N GLY A 220 -13.35 27.10 18.75
CA GLY A 220 -11.89 27.01 18.58
C GLY A 220 -11.26 28.39 18.61
N PHE A 221 -10.03 28.44 18.10
CA PHE A 221 -9.22 29.63 18.20
C PHE A 221 -8.11 29.44 17.16
N GLY A 222 -7.33 30.49 16.96
CA GLY A 222 -6.07 30.30 16.25
C GLY A 222 -5.10 31.27 16.91
N TYR A 223 -3.88 30.84 17.25
CA TYR A 223 -2.88 31.75 17.82
C TYR A 223 -1.80 32.02 16.76
N GLU A 224 -0.92 33.03 17.02
CA GLU A 224 -0.12 33.62 15.95
C GLU A 224 -1.01 34.03 14.78
N ALA A 225 -2.13 34.66 15.16
CA ALA A 225 -3.29 34.77 14.27
C ALA A 225 -3.03 35.83 13.21
N LYS A 226 -2.03 36.68 13.47
CA LYS A 226 -1.70 37.77 12.58
C LYS A 226 -0.34 37.52 11.92
N GLY A 227 0.25 36.34 12.11
CA GLY A 227 1.53 36.00 11.42
C GLY A 227 2.61 35.56 12.41
N LEU A 228 3.81 35.19 11.90
CA LEU A 228 4.91 34.65 12.72
C LEU A 228 5.19 35.49 13.96
N ALA A 229 5.11 34.82 15.11
CA ALA A 229 5.54 35.32 16.41
C ALA A 229 4.58 36.39 16.95
N THR A 230 3.40 36.54 16.33
CA THR A 230 2.37 37.42 16.89
C THR A 230 1.71 36.82 18.14
N LYS A 231 1.35 37.72 19.06
CA LYS A 231 0.62 37.36 20.26
C LYS A 231 -0.86 37.23 20.06
N ASP A 232 -1.37 37.71 18.90
CA ASP A 232 -2.81 37.69 18.62
C ASP A 232 -3.40 36.28 18.63
N VAL A 233 -4.51 36.16 19.39
CA VAL A 233 -5.39 35.00 19.28
C VAL A 233 -6.74 35.45 18.75
N TYR A 234 -7.27 34.65 17.82
CA TYR A 234 -8.66 34.76 17.36
C TYR A 234 -9.52 33.58 17.85
N TYR A 235 -10.54 33.85 18.71
CA TYR A 235 -11.54 32.89 19.15
C TYR A 235 -12.75 32.90 18.21
N PHE A 236 -13.35 31.73 17.99
CA PHE A 236 -14.47 31.62 17.06
C PHE A 236 -15.38 30.48 17.53
N GLU A 237 -16.65 30.58 17.16
CA GLU A 237 -17.60 29.47 17.14
C GLU A 237 -18.29 29.45 15.79
N VAL A 238 -18.19 28.30 15.09
CA VAL A 238 -18.79 28.06 13.79
C VAL A 238 -20.03 27.23 14.06
N ASP A 239 -21.23 27.72 13.65
CA ASP A 239 -22.46 26.98 13.90
C ASP A 239 -22.60 25.77 12.98
N PRO A 240 -23.60 24.85 13.18
CA PRO A 240 -23.72 23.66 12.33
C PRO A 240 -24.00 23.94 10.83
N SER A 241 -24.27 25.22 10.49
CA SER A 241 -24.52 25.62 9.13
C SER A 241 -23.24 26.13 8.48
N GLY A 242 -22.15 26.28 9.26
CA GLY A 242 -20.87 26.74 8.74
C GLY A 242 -20.62 28.25 8.87
N LYS A 243 -21.39 28.97 9.70
CA LYS A 243 -21.26 30.42 9.86
C LYS A 243 -20.56 30.73 11.18
N VAL A 244 -19.70 31.76 11.18
CA VAL A 244 -19.09 32.20 12.42
C VAL A 244 -20.19 33.03 13.11
N VAL A 245 -20.61 32.52 14.26
CA VAL A 245 -21.69 33.09 15.05
C VAL A 245 -21.17 33.88 16.25
N ARG A 246 -19.90 33.60 16.63
CA ARG A 246 -19.25 34.24 17.77
C ARG A 246 -17.79 34.34 17.40
N ASP A 247 -17.18 35.49 17.71
CA ASP A 247 -15.73 35.59 17.62
C ASP A 247 -15.25 36.71 18.55
N LEU A 248 -13.92 36.80 18.69
CA LEU A 248 -13.24 37.76 19.54
C LEU A 248 -11.76 37.72 19.15
N TRP A 249 -11.17 38.92 19.06
CA TRP A 249 -9.72 39.04 19.01
C TRP A 249 -9.21 39.42 20.39
N LEU A 250 -8.07 38.81 20.75
CA LEU A 250 -7.42 38.97 22.04
C LEU A 250 -5.93 38.66 21.83
N GLU A 251 -5.16 38.61 22.93
CA GLU A 251 -3.73 38.29 22.92
C GLU A 251 -3.40 37.38 24.07
N ALA A 252 -2.39 36.57 23.81
CA ALA A 252 -1.77 35.77 24.83
C ALA A 252 -0.72 36.62 25.56
N PRO A 253 -0.42 36.33 26.85
CA PRO A 253 0.56 37.14 27.61
C PRO A 253 1.98 37.07 27.02
N TRP A 254 2.31 35.93 26.38
CA TRP A 254 3.50 35.86 25.52
C TRP A 254 3.13 35.12 24.25
N CYS A 255 4.02 35.16 23.21
CA CYS A 255 3.74 34.30 22.07
C CYS A 255 4.10 32.87 22.46
N ALA A 256 3.05 32.12 22.84
CA ALA A 256 3.08 30.81 23.48
C ALA A 256 2.63 29.73 22.51
N PHE A 257 3.05 28.47 22.74
CA PHE A 257 2.59 27.34 21.95
C PHE A 257 1.29 26.91 22.62
N ILE A 258 0.17 27.30 22.00
CA ILE A 258 -1.19 27.00 22.48
C ILE A 258 -1.77 25.86 21.63
N HIS A 259 -1.36 24.66 21.97
CA HIS A 259 -1.68 23.49 21.14
C HIS A 259 -3.13 23.03 21.26
N ASP A 260 -3.67 23.03 22.51
CA ASP A 260 -4.94 22.43 22.79
C ASP A 260 -5.71 23.31 23.77
N CYS A 261 -6.94 22.90 24.08
CA CYS A 261 -7.88 23.69 24.87
C CYS A 261 -8.88 22.75 25.52
N ALA A 262 -9.71 23.33 26.38
CA ALA A 262 -10.86 22.62 26.89
C ALA A 262 -12.13 23.43 26.69
N LEU A 263 -13.24 22.79 26.29
CA LEU A 263 -14.51 23.50 26.16
C LEU A 263 -15.38 23.11 27.36
N THR A 264 -16.06 24.13 27.88
CA THR A 264 -17.06 23.97 28.96
C THR A 264 -18.37 24.63 28.50
N PRO A 265 -19.50 24.60 29.26
CA PRO A 265 -20.68 25.29 28.77
C PRO A 265 -20.51 26.79 28.53
N ASN A 266 -19.75 27.45 29.41
CA ASN A 266 -19.62 28.92 29.40
C ASN A 266 -18.21 29.41 29.03
N TYR A 267 -17.24 28.51 28.73
CA TYR A 267 -15.86 28.95 28.49
C TYR A 267 -15.26 28.15 27.35
N LEU A 268 -14.33 28.79 26.64
CA LEU A 268 -13.24 28.08 25.98
C LEU A 268 -11.99 28.33 26.82
N VAL A 269 -11.23 27.27 27.17
CA VAL A 269 -10.04 27.49 28.00
C VAL A 269 -8.82 27.14 27.16
N LEU A 270 -7.93 28.12 26.95
CA LEU A 270 -6.72 27.85 26.12
C LEU A 270 -5.58 27.36 27.02
N MET A 271 -4.79 26.35 26.61
CA MET A 271 -3.72 25.81 27.43
C MET A 271 -2.37 26.17 26.84
N LEU A 272 -1.58 26.99 27.59
CA LEU A 272 -0.31 27.51 27.11
C LEU A 272 0.79 26.58 27.60
N TRP A 273 1.60 26.08 26.65
CA TRP A 273 2.82 25.36 26.97
C TRP A 273 3.94 26.38 27.17
N PRO A 274 4.97 26.10 27.98
CA PRO A 274 6.04 27.08 28.21
C PRO A 274 7.10 27.05 27.09
N PHE A 275 6.62 27.30 25.85
CA PHE A 275 7.54 27.62 24.76
C PHE A 275 7.25 29.05 24.35
N GLU A 276 8.28 29.78 23.87
CA GLU A 276 8.08 31.13 23.38
C GLU A 276 8.67 31.23 21.99
N ALA A 277 7.99 31.95 21.09
CA ALA A 277 8.46 32.17 19.71
C ALA A 277 9.24 33.48 19.67
N ASN A 278 10.22 33.57 18.78
CA ASN A 278 11.09 34.73 18.73
C ASN A 278 11.48 34.95 17.27
N LEU A 279 11.12 36.12 16.74
CA LEU A 279 11.31 36.41 15.32
C LEU A 279 12.79 36.49 14.95
N GLU A 280 13.58 37.14 15.86
CA GLU A 280 15.00 37.31 15.57
C GLU A 280 15.71 35.96 15.54
N ARG A 281 15.38 35.06 16.47
CA ARG A 281 15.81 33.66 16.39
C ARG A 281 15.40 32.95 15.08
N MET A 282 14.16 33.21 14.60
CA MET A 282 13.75 32.58 13.36
C MET A 282 14.56 33.15 12.21
N LYS A 283 14.77 34.47 12.25
CA LYS A 283 15.45 35.11 11.15
C LYS A 283 16.86 34.54 11.06
N ALA A 284 17.43 34.25 12.24
CA ALA A 284 18.77 33.69 12.36
C ALA A 284 18.84 32.20 12.03
N GLY A 285 17.74 31.59 11.55
CA GLY A 285 17.75 30.21 11.12
C GLY A 285 17.61 29.21 12.27
N GLY A 286 17.14 29.70 13.44
CA GLY A 286 16.89 28.82 14.57
C GLY A 286 15.43 28.36 14.58
N HIS A 287 15.06 27.50 15.55
CA HIS A 287 13.72 27.00 15.75
C HIS A 287 12.73 28.12 16.07
N HIS A 288 11.48 27.88 15.66
CA HIS A 288 10.36 28.75 15.95
C HIS A 288 10.17 28.86 17.47
N TRP A 289 10.27 27.72 18.15
CA TRP A 289 9.92 27.64 19.55
C TRP A 289 11.21 27.38 20.33
N ALA A 290 11.21 27.82 21.59
CA ALA A 290 12.25 27.44 22.54
C ALA A 290 11.57 27.24 23.89
N TYR A 291 11.84 26.07 24.52
CA TYR A 291 11.27 25.76 25.82
C TYR A 291 11.83 26.76 26.83
N ASP A 292 10.99 27.16 27.81
CA ASP A 292 11.46 28.07 28.82
C ASP A 292 11.05 27.56 30.19
N TYR A 293 12.01 27.07 30.97
CA TYR A 293 11.69 26.61 32.33
C TYR A 293 11.04 27.65 33.23
N THR A 294 11.22 28.96 32.93
CA THR A 294 10.73 30.03 33.80
C THR A 294 9.27 30.36 33.51
N LYS A 295 8.74 29.83 32.39
CA LYS A 295 7.34 30.08 32.09
C LYS A 295 6.42 29.11 32.83
N PRO A 296 5.41 29.59 33.60
CA PRO A 296 4.49 28.69 34.27
C PRO A 296 3.45 28.24 33.23
N ILE A 297 2.92 27.04 33.41
CA ILE A 297 1.71 26.66 32.69
C ILE A 297 0.66 27.74 32.94
N THR A 298 0.09 28.24 31.84
CA THR A 298 -0.82 29.36 31.82
C THR A 298 -2.06 28.93 31.02
N TRP A 299 -3.24 29.35 31.54
CA TRP A 299 -4.53 29.10 30.95
C TRP A 299 -5.22 30.44 30.67
N ILE A 300 -5.92 30.55 29.52
CA ILE A 300 -6.70 31.73 29.16
C ILE A 300 -8.16 31.33 29.14
N THR A 301 -8.96 31.90 30.08
CA THR A 301 -10.38 31.63 30.07
C THR A 301 -11.02 32.68 29.17
N ILE A 302 -11.80 32.21 28.18
CA ILE A 302 -12.56 33.05 27.24
C ILE A 302 -14.02 32.70 27.49
N PRO A 303 -14.77 33.59 28.16
CA PRO A 303 -16.23 33.38 28.26
C PRO A 303 -16.87 33.20 26.89
N ARG A 304 -17.70 32.16 26.70
CA ARG A 304 -18.29 31.90 25.39
C ARG A 304 -19.19 33.06 24.96
N GLY A 305 -18.95 33.54 23.73
CA GLY A 305 -19.65 34.71 23.19
C GLY A 305 -19.28 36.04 23.87
N ALA A 306 -18.08 36.11 24.48
CA ALA A 306 -17.57 37.33 25.07
C ALA A 306 -17.68 38.53 24.14
N LYS A 307 -18.11 39.64 24.74
CA LYS A 307 -18.29 40.90 24.06
C LYS A 307 -17.01 41.73 24.08
N SER A 308 -16.12 41.47 25.06
CA SER A 308 -14.87 42.21 25.18
C SER A 308 -13.71 41.31 25.54
N LYS A 309 -12.49 41.61 25.00
CA LYS A 309 -11.25 41.00 25.49
C LYS A 309 -11.06 41.29 26.99
N ASP A 310 -11.74 42.32 27.50
CA ASP A 310 -11.78 42.60 28.95
C ASP A 310 -12.30 41.43 29.79
N GLU A 311 -13.06 40.51 29.20
CA GLU A 311 -13.70 39.42 29.92
C GLU A 311 -12.76 38.20 30.09
N VAL A 312 -11.66 38.17 29.29
CA VAL A 312 -10.70 37.09 29.28
C VAL A 312 -9.78 37.22 30.52
N LYS A 313 -9.39 36.07 31.11
CA LYS A 313 -8.48 36.04 32.25
C LYS A 313 -7.32 35.09 32.00
N TYR A 314 -6.12 35.41 32.56
CA TYR A 314 -4.99 34.50 32.61
C TYR A 314 -4.84 33.90 34.01
N TRP A 315 -4.62 32.58 34.05
CA TRP A 315 -4.40 31.80 35.25
C TRP A 315 -3.06 31.10 35.11
N HIS A 316 -2.34 30.92 36.22
CA HIS A 316 -1.02 30.33 36.09
C HIS A 316 -0.81 29.23 37.14
N TRP A 317 0.06 28.27 36.82
CA TRP A 317 0.47 27.30 37.82
C TRP A 317 1.98 27.36 38.01
N LYS A 318 2.72 26.35 37.49
CA LYS A 318 4.17 26.35 37.57
C LYS A 318 4.67 25.74 36.25
N ASN A 319 5.97 25.65 36.05
CA ASN A 319 6.45 25.16 34.75
C ASN A 319 6.14 23.67 34.53
N GLY A 320 5.93 23.29 33.27
CA GLY A 320 5.73 21.89 32.85
C GLY A 320 4.92 21.88 31.55
N MET A 321 4.55 20.69 31.04
CA MET A 321 4.01 20.61 29.68
C MET A 321 2.79 19.72 29.73
N PRO A 322 1.57 20.30 29.91
CA PRO A 322 0.37 19.52 29.77
C PRO A 322 -0.01 19.42 28.30
N ILE A 323 0.10 18.19 27.71
CA ILE A 323 0.16 18.08 26.26
C ILE A 323 -1.23 18.23 25.63
N HIS A 324 -2.19 17.38 26.09
CA HIS A 324 -3.52 17.29 25.55
C HIS A 324 -4.49 17.19 26.73
N THR A 325 -5.60 17.89 26.55
CA THR A 325 -6.71 17.73 27.47
C THR A 325 -7.53 16.50 27.06
N ALA A 326 -8.17 15.91 28.05
CA ALA A 326 -9.21 14.93 27.75
C ALA A 326 -10.45 15.74 27.38
N SER A 327 -11.10 16.32 28.40
CA SER A 327 -11.99 17.45 28.19
C SER A 327 -12.09 18.33 29.45
N GLY A 328 -13.07 19.26 29.41
CA GLY A 328 -13.41 20.07 30.57
C GLY A 328 -14.89 20.15 30.80
N PHE A 329 -15.25 20.73 31.96
CA PHE A 329 -16.65 20.99 32.22
C PHE A 329 -16.72 21.98 33.37
N GLU A 330 -17.96 22.37 33.71
CA GLU A 330 -18.21 23.21 34.87
C GLU A 330 -18.91 22.38 35.92
N ASP A 331 -18.33 22.33 37.12
CA ASP A 331 -18.99 21.57 38.20
C ASP A 331 -20.18 22.37 38.74
N GLU A 332 -20.92 21.76 39.70
CA GLU A 332 -22.12 22.34 40.33
C GLU A 332 -21.97 23.79 40.81
N GLN A 333 -20.75 24.18 41.21
CA GLN A 333 -20.39 25.48 41.78
C GLN A 333 -19.78 26.41 40.72
N GLY A 334 -19.70 25.95 39.48
CA GLY A 334 -19.23 26.77 38.37
C GLY A 334 -17.72 26.65 38.14
N ARG A 335 -17.06 25.72 38.83
CA ARG A 335 -15.61 25.63 38.72
C ARG A 335 -15.30 24.89 37.41
N ILE A 336 -14.29 25.39 36.70
CA ILE A 336 -13.73 24.75 35.51
C ILE A 336 -12.84 23.59 35.93
N ILE A 337 -13.22 22.37 35.51
CA ILE A 337 -12.40 21.19 35.81
C ILE A 337 -11.91 20.68 34.45
N ILE A 338 -10.61 20.52 34.33
CA ILE A 338 -10.01 19.99 33.11
C ILE A 338 -9.07 18.84 33.50
N ASP A 339 -9.06 17.71 32.75
CA ASP A 339 -7.99 16.75 32.90
C ASP A 339 -7.06 16.82 31.67
N SER A 340 -5.77 16.57 31.94
CA SER A 340 -4.78 16.60 30.89
C SER A 340 -3.65 15.65 31.23
N SER A 341 -2.83 15.39 30.20
CA SER A 341 -1.55 14.82 30.56
C SER A 341 -0.66 15.95 31.13
N LEU A 342 0.35 15.57 31.90
CA LEU A 342 1.33 16.45 32.48
C LEU A 342 2.66 15.73 32.46
N VAL A 343 3.57 16.34 31.69
CA VAL A 343 4.97 16.02 31.61
C VAL A 343 5.74 17.12 32.33
N HIS A 344 6.57 16.68 33.29
CA HIS A 344 7.22 17.58 34.21
C HIS A 344 8.52 18.20 33.65
N GLY A 345 8.43 18.92 32.54
CA GLY A 345 9.57 19.31 31.73
C GLY A 345 9.26 19.17 30.24
N ASN A 346 10.32 19.03 29.42
CA ASN A 346 10.13 19.23 28.00
C ASN A 346 9.87 17.92 27.28
N ALA A 347 8.63 17.73 26.80
CA ALA A 347 8.28 16.51 26.06
C ALA A 347 8.65 16.61 24.57
N PHE A 348 9.00 17.83 24.11
CA PHE A 348 9.60 18.02 22.77
C PHE A 348 11.05 18.52 22.91
N PRO A 349 12.01 17.65 23.33
CA PRO A 349 13.36 18.08 23.56
C PRO A 349 14.09 18.54 22.30
N PHE A 350 13.48 18.30 21.11
CA PHE A 350 14.05 18.72 19.83
C PHE A 350 13.82 20.24 19.64
N PHE A 351 12.96 20.86 20.49
CA PHE A 351 12.87 22.32 20.64
C PHE A 351 13.47 22.75 21.99
N PRO A 352 14.81 22.73 22.16
CA PRO A 352 15.38 23.07 23.46
C PRO A 352 15.22 24.55 23.86
N PRO A 353 15.57 24.93 25.13
CA PRO A 353 15.72 26.33 25.51
C PRO A 353 16.76 27.06 24.70
N ASP A 354 16.62 28.40 24.65
CA ASP A 354 17.65 29.28 24.10
C ASP A 354 18.95 29.29 24.89
N SER A 355 18.86 29.46 26.22
CA SER A 355 20.07 29.80 26.97
C SER A 355 20.89 28.54 27.26
N ASP A 356 22.21 28.73 27.42
CA ASP A 356 23.09 27.60 27.73
C ASP A 356 22.65 26.97 29.04
N GLU A 357 22.30 27.84 29.98
CA GLU A 357 21.85 27.47 31.32
C GLU A 357 20.66 26.51 31.26
N GLN A 358 19.59 26.90 30.53
CA GLN A 358 18.41 26.05 30.43
C GLN A 358 18.67 24.83 29.59
N LYS A 359 19.57 24.92 28.59
CA LYS A 359 19.99 23.76 27.82
C LYS A 359 20.56 22.69 28.72
N LYS A 360 21.40 23.12 29.67
CA LYS A 360 22.03 22.14 30.51
C LYS A 360 20.97 21.51 31.44
N LYS A 361 19.98 22.29 31.87
CA LYS A 361 18.91 21.77 32.72
C LYS A 361 18.06 20.72 31.99
N GLN A 362 17.72 20.98 30.73
CA GLN A 362 17.05 19.96 29.92
C GLN A 362 17.87 18.66 29.89
N GLU A 363 19.19 18.76 29.63
CA GLU A 363 20.02 17.56 29.54
C GLU A 363 20.02 16.86 30.91
N ALA A 364 20.17 17.68 31.95
CA ALA A 364 20.24 17.20 33.32
C ALA A 364 18.97 16.44 33.68
N ASP A 365 17.82 17.03 33.37
CA ASP A 365 16.53 16.42 33.66
C ASP A 365 16.25 15.09 32.96
N GLY A 366 16.87 14.78 31.82
CA GLY A 366 16.55 13.58 31.04
C GLY A 366 15.04 13.46 30.74
N THR A 367 14.48 12.24 30.88
CA THR A 367 13.07 11.94 30.60
C THR A 367 12.25 12.45 31.78
N PRO A 368 11.31 13.43 31.65
CA PRO A 368 10.53 13.90 32.81
C PRO A 368 9.55 12.91 33.37
N LYS A 369 9.15 13.16 34.63
CA LYS A 369 7.97 12.54 35.18
C LYS A 369 6.77 12.82 34.27
N ALA A 370 5.91 11.79 34.09
CA ALA A 370 4.75 11.89 33.22
C ALA A 370 3.56 11.26 33.90
N GLN A 371 2.45 11.99 34.03
CA GLN A 371 1.17 11.60 34.61
C GLN A 371 -0.04 12.12 33.85
N PHE A 372 -1.25 11.73 34.28
CA PHE A 372 -2.52 12.26 33.88
C PHE A 372 -3.05 12.99 35.12
N VAL A 373 -3.46 14.26 34.97
CA VAL A 373 -3.80 15.11 36.11
C VAL A 373 -5.12 15.86 35.89
N ARG A 374 -5.75 16.30 37.00
CA ARG A 374 -6.95 17.12 37.00
C ARG A 374 -6.70 18.51 37.58
N TRP A 375 -7.06 19.54 36.80
CA TRP A 375 -6.90 20.97 37.13
C TRP A 375 -8.23 21.53 37.60
N THR A 376 -8.20 22.46 38.55
CA THR A 376 -9.38 23.20 39.00
C THR A 376 -9.11 24.70 38.88
N ILE A 377 -9.86 25.38 38.02
CA ILE A 377 -9.80 26.83 37.76
C ILE A 377 -11.14 27.36 38.23
N ASP A 378 -11.13 27.78 39.49
CA ASP A 378 -12.37 28.27 40.11
C ASP A 378 -12.56 29.76 39.76
N PRO A 379 -13.53 30.16 38.89
CA PRO A 379 -13.66 31.55 38.48
C PRO A 379 -14.13 32.54 39.58
N ARG A 380 -14.52 32.00 40.77
CA ARG A 380 -14.78 32.86 41.94
C ARG A 380 -13.50 33.39 42.59
N LYS A 381 -12.33 32.84 42.26
CA LYS A 381 -11.05 33.18 42.90
C LYS A 381 -10.34 34.21 42.04
N ASP A 382 -9.36 34.91 42.64
CA ASP A 382 -8.53 35.87 41.98
C ASP A 382 -7.59 35.13 41.03
N ASN A 383 -7.64 35.46 39.74
CA ASN A 383 -6.79 34.80 38.75
C ASN A 383 -5.32 35.13 38.91
N ASN A 384 -4.98 36.19 39.69
CA ASN A 384 -3.59 36.49 40.01
C ASN A 384 -2.99 35.51 41.03
N GLU A 385 -3.82 34.72 41.73
CA GLU A 385 -3.28 33.74 42.65
C GLU A 385 -2.91 32.48 41.85
N GLN A 386 -1.74 31.92 42.20
CA GLN A 386 -1.27 30.65 41.66
C GLN A 386 -2.35 29.58 41.86
N LEU A 387 -2.58 28.86 40.77
CA LEU A 387 -3.51 27.75 40.76
C LEU A 387 -3.16 26.71 41.82
N PRO A 388 -4.19 25.97 42.37
CA PRO A 388 -3.94 24.77 43.15
C PRO A 388 -3.17 23.73 42.34
N ASP A 389 -2.30 22.96 43.03
CA ASP A 389 -1.62 21.84 42.39
C ASP A 389 -2.68 20.91 41.81
N PRO A 390 -2.47 20.38 40.56
CA PRO A 390 -3.45 19.50 39.96
C PRO A 390 -3.44 18.14 40.67
N GLU A 391 -4.57 17.42 40.60
CA GLU A 391 -4.65 16.14 41.28
C GLU A 391 -4.12 15.08 40.35
N VAL A 392 -3.36 14.14 40.92
CA VAL A 392 -2.84 13.06 40.08
C VAL A 392 -3.95 12.01 39.94
N ILE A 393 -4.35 11.78 38.66
CA ILE A 393 -5.43 10.86 38.33
C ILE A 393 -4.83 9.50 38.00
N LEU A 394 -3.92 9.47 37.03
CA LEU A 394 -3.08 8.32 36.75
C LEU A 394 -1.61 8.69 36.92
N ASP A 395 -0.94 7.86 37.71
CA ASP A 395 0.45 8.09 37.97
C ASP A 395 1.24 7.22 37.02
N THR A 396 1.02 7.47 35.72
CA THR A 396 1.83 6.76 34.74
C THR A 396 1.90 7.64 33.50
N PRO A 397 2.92 7.48 32.66
CA PRO A 397 2.99 8.24 31.41
C PRO A 397 1.75 8.04 30.55
N SER A 398 1.12 9.15 30.14
CA SER A 398 -0.25 9.16 29.62
C SER A 398 -0.30 10.22 28.53
N GLU A 399 -1.02 9.93 27.45
CA GLU A 399 -1.10 10.88 26.35
C GLU A 399 -2.25 10.50 25.43
N PHE A 400 -2.47 11.35 24.42
CA PHE A 400 -3.58 11.32 23.48
C PHE A 400 -4.85 10.81 24.12
N PRO A 401 -5.43 11.57 25.07
CA PRO A 401 -6.72 11.21 25.59
C PRO A 401 -7.90 11.61 24.69
N GLN A 402 -8.95 10.77 24.67
CA GLN A 402 -10.23 11.15 24.08
C GLN A 402 -11.34 10.84 25.08
N ILE A 403 -12.53 11.32 24.77
CA ILE A 403 -13.69 11.13 25.64
C ILE A 403 -14.84 10.52 24.82
N ASP A 404 -16.03 10.41 25.47
CA ASP A 404 -17.27 10.18 24.71
C ASP A 404 -17.78 11.54 24.23
N ASN A 405 -17.67 11.84 22.92
CA ASN A 405 -17.99 13.16 22.38
C ASN A 405 -19.45 13.57 22.53
N ARG A 406 -20.37 12.65 22.81
CA ARG A 406 -21.72 13.04 23.18
C ARG A 406 -21.78 13.89 24.45
N PHE A 407 -20.62 14.02 25.10
CA PHE A 407 -20.46 14.74 26.35
C PHE A 407 -19.46 15.88 26.15
N MET A 408 -19.15 16.21 24.89
CA MET A 408 -18.19 17.29 24.65
C MET A 408 -18.79 18.65 25.06
N GLY A 409 -18.07 19.42 25.91
CA GLY A 409 -18.46 20.77 26.34
C GLY A 409 -19.49 20.74 27.49
N VAL A 410 -19.71 19.57 28.09
CA VAL A 410 -20.57 19.42 29.27
C VAL A 410 -19.84 18.48 30.20
N GLU A 411 -20.41 18.20 31.40
CA GLU A 411 -19.82 17.24 32.33
C GLU A 411 -19.60 15.88 31.65
N TYR A 412 -18.39 15.31 31.82
CA TYR A 412 -17.96 14.03 31.27
C TYR A 412 -17.34 13.22 32.40
N SER A 413 -17.37 11.87 32.22
CA SER A 413 -16.77 10.90 33.13
C SER A 413 -15.71 10.01 32.47
N SER A 414 -16.00 9.57 31.26
CA SER A 414 -15.14 8.67 30.52
C SER A 414 -13.91 9.36 29.92
N ALA A 415 -12.72 8.77 30.13
CA ALA A 415 -11.57 9.10 29.28
C ALA A 415 -10.89 7.84 28.79
N PHE A 416 -10.37 7.92 27.57
CA PHE A 416 -9.76 6.78 26.90
C PHE A 416 -8.38 7.30 26.59
N ILE A 417 -7.34 6.76 27.23
CA ILE A 417 -6.03 7.45 27.40
C ILE A 417 -4.99 6.51 26.83
N ASN A 418 -4.07 7.03 26.04
CA ASN A 418 -3.02 6.17 25.56
C ASN A 418 -1.99 6.12 26.69
N VAL A 419 -1.44 4.95 27.05
CA VAL A 419 -0.64 4.87 28.27
C VAL A 419 0.62 4.04 28.09
N PHE A 420 1.67 4.37 28.91
CA PHE A 420 2.72 3.40 29.29
C PHE A 420 2.11 2.47 30.33
N VAL A 421 1.98 1.16 30.00
CA VAL A 421 1.32 0.24 30.93
C VAL A 421 2.15 0.10 32.21
N PRO A 422 1.57 0.36 33.42
CA PRO A 422 2.29 0.16 34.66
C PRO A 422 2.94 -1.21 34.80
N ASP A 423 4.24 -1.17 35.14
CA ASP A 423 5.12 -2.30 35.43
C ASP A 423 5.50 -3.03 34.15
N ARG A 424 5.00 -2.56 32.97
CA ARG A 424 5.12 -3.31 31.71
C ARG A 424 5.60 -2.43 30.55
N SER A 425 6.43 -1.43 30.88
CA SER A 425 6.83 -0.40 29.93
C SER A 425 8.20 0.12 30.35
N ASP A 426 8.88 0.81 29.44
CA ASP A 426 10.25 1.24 29.67
C ASP A 426 10.42 2.16 30.90
N GLY A 427 9.82 3.36 30.88
CA GLY A 427 10.01 4.44 31.87
C GLY A 427 10.98 5.52 31.38
N ASN A 428 12.07 5.07 30.72
CA ASN A 428 13.13 5.95 30.22
C ASN A 428 12.77 6.62 28.89
N LYS A 429 11.70 6.11 28.24
CA LYS A 429 11.29 6.58 26.91
C LYS A 429 10.61 7.93 27.02
N ASN A 430 10.90 8.83 26.06
CA ASN A 430 10.04 9.99 25.78
C ASN A 430 8.56 9.58 25.80
N VAL A 431 7.68 10.49 26.25
CA VAL A 431 6.25 10.18 26.43
C VAL A 431 5.58 9.69 25.13
N PHE A 432 6.09 10.12 23.96
CA PHE A 432 5.48 9.75 22.69
C PHE A 432 5.95 8.39 22.18
N GLN A 433 6.97 7.82 22.84
CA GLN A 433 7.73 6.71 22.27
C GLN A 433 7.62 5.39 23.03
N GLY A 434 6.98 5.35 24.21
CA GLY A 434 6.76 4.05 24.85
C GLY A 434 5.29 3.72 25.16
N LEU A 435 4.34 4.26 24.40
CA LEU A 435 2.91 4.12 24.64
C LEU A 435 2.44 2.75 24.15
N ASN A 436 2.23 1.86 25.11
CA ASN A 436 2.03 0.46 24.74
C ASN A 436 0.73 -0.08 25.31
N GLY A 437 -0.17 0.80 25.75
CA GLY A 437 -1.48 0.35 26.21
C GLY A 437 -2.54 1.44 26.10
N LEU A 438 -3.75 1.10 26.56
CA LEU A 438 -4.79 2.11 26.69
C LEU A 438 -5.34 1.97 28.10
N ALA A 439 -5.96 3.04 28.56
CA ALA A 439 -6.71 3.04 29.82
C ALA A 439 -8.11 3.56 29.58
N HIS A 440 -9.13 2.92 30.19
CA HIS A 440 -10.46 3.50 30.30
C HIS A 440 -10.70 3.96 31.72
N TYR A 441 -10.67 5.29 31.92
CA TYR A 441 -10.89 5.88 33.23
C TYR A 441 -12.29 6.41 33.28
N LYS A 442 -12.98 6.17 34.41
CA LYS A 442 -14.30 6.71 34.63
C LYS A 442 -14.27 7.43 35.96
N ARG A 443 -14.36 8.77 35.91
CA ARG A 443 -14.26 9.63 37.07
C ARG A 443 -15.39 9.31 38.05
N LYS A 444 -16.59 9.07 37.54
CA LYS A 444 -17.73 8.93 38.46
C LYS A 444 -17.62 7.68 39.33
N GLU A 445 -17.19 6.56 38.74
CA GLU A 445 -16.91 5.29 39.42
C GLU A 445 -15.53 5.27 40.06
N GLY A 446 -14.64 6.15 39.59
CA GLY A 446 -13.25 6.21 40.06
C GLY A 446 -12.44 4.97 39.67
N THR A 447 -12.84 4.26 38.58
CA THR A 447 -12.15 3.06 38.15
C THR A 447 -11.35 3.31 36.87
N THR A 448 -10.34 2.47 36.68
CA THR A 448 -9.50 2.46 35.48
C THR A 448 -9.40 1.01 35.04
N GLU A 449 -9.63 0.79 33.74
CA GLU A 449 -9.34 -0.51 33.13
C GLU A 449 -8.25 -0.34 32.08
N TRP A 450 -7.59 -1.45 31.73
CA TRP A 450 -6.31 -1.37 31.03
C TRP A 450 -6.29 -2.35 29.89
N TYR A 451 -5.72 -1.91 28.78
CA TYR A 451 -5.54 -2.76 27.59
C TYR A 451 -4.03 -2.73 27.29
N TYR A 452 -3.38 -3.90 27.17
CA TYR A 452 -1.96 -3.95 26.86
C TYR A 452 -1.83 -4.29 25.38
N ALA A 453 -1.03 -3.51 24.66
CA ALA A 453 -0.90 -3.69 23.21
C ALA A 453 -0.21 -5.01 22.87
N GLY A 454 0.66 -5.50 23.76
CA GLY A 454 1.46 -6.69 23.42
C GLY A 454 2.95 -6.48 23.54
N ASP A 455 3.73 -7.60 23.67
CA ASP A 455 5.17 -7.45 23.62
C ASP A 455 5.53 -7.10 22.17
N ASN A 456 6.49 -6.18 22.03
CA ASN A 456 7.01 -5.68 20.75
C ASN A 456 5.88 -5.02 19.96
N CYS A 457 5.00 -4.34 20.72
CA CYS A 457 3.92 -3.55 20.15
C CYS A 457 3.83 -2.19 20.83
N LEU A 458 3.35 -1.26 20.02
CA LEU A 458 2.93 0.06 20.46
C LEU A 458 1.49 0.27 20.01
N ILE A 459 0.76 1.11 20.75
CA ILE A 459 -0.61 1.42 20.39
C ILE A 459 -0.74 2.94 20.38
N GLN A 460 -1.54 3.46 19.44
CA GLN A 460 -1.74 4.88 19.21
C GLN A 460 -2.99 5.32 19.91
N GLU A 461 -3.34 6.58 19.65
CA GLU A 461 -4.54 7.19 20.24
C GLU A 461 -5.84 6.37 20.05
N PRO A 462 -6.63 6.21 21.12
CA PRO A 462 -7.95 5.61 21.04
C PRO A 462 -9.07 6.55 20.62
N VAL A 463 -10.08 5.96 19.95
CA VAL A 463 -11.32 6.63 19.61
C VAL A 463 -12.48 5.75 20.06
N PHE A 464 -13.53 6.45 20.43
CA PHE A 464 -14.76 5.81 20.95
C PHE A 464 -15.93 5.96 19.99
N SER A 465 -16.65 4.85 19.80
CA SER A 465 -17.93 4.84 19.08
C SER A 465 -19.00 4.30 20.03
N PRO A 466 -20.11 5.02 20.29
CA PRO A 466 -21.10 4.47 21.22
C PRO A 466 -21.86 3.27 20.63
N ARG A 467 -22.26 2.32 21.50
CA ARG A 467 -22.92 1.07 21.16
C ARG A 467 -24.17 1.33 20.31
N SER A 468 -24.92 2.35 20.75
CA SER A 468 -26.04 2.91 20.02
C SER A 468 -26.15 4.35 20.45
N LYS A 469 -27.01 5.09 19.74
CA LYS A 469 -27.32 6.48 19.98
C LYS A 469 -27.53 6.74 21.47
N ASP A 470 -28.30 5.87 22.14
CA ASP A 470 -28.78 6.12 23.51
C ASP A 470 -28.03 5.27 24.53
N ALA A 471 -26.90 4.66 24.14
CA ALA A 471 -26.10 3.87 25.07
C ALA A 471 -25.58 4.75 26.21
N PRO A 472 -25.41 4.28 27.47
CA PRO A 472 -24.73 5.04 28.52
C PRO A 472 -23.37 5.57 28.08
N GLU A 473 -22.87 6.58 28.80
CA GLU A 473 -21.56 7.20 28.55
C GLU A 473 -20.44 6.17 28.61
N GLY A 474 -19.66 6.08 27.51
CA GLY A 474 -18.52 5.22 27.49
C GLY A 474 -18.88 3.74 27.33
N ASP A 475 -20.10 3.48 26.85
CA ASP A 475 -20.58 2.16 26.51
C ASP A 475 -20.54 2.04 24.98
N GLY A 476 -19.63 1.19 24.52
CA GLY A 476 -19.40 1.06 23.10
C GLY A 476 -18.07 0.38 22.80
N PHE A 477 -17.47 0.86 21.71
CA PHE A 477 -16.29 0.24 21.13
C PHE A 477 -15.19 1.32 21.06
N VAL A 478 -13.97 0.87 21.36
CA VAL A 478 -12.78 1.69 21.29
C VAL A 478 -11.91 1.03 20.22
N LEU A 479 -11.40 1.86 19.33
CA LEU A 479 -10.52 1.47 18.23
C LEU A 479 -9.18 2.20 18.39
N ALA A 480 -8.08 1.57 17.92
CA ALA A 480 -6.79 2.24 17.90
C ALA A 480 -5.89 1.47 16.95
N ILE A 481 -4.86 2.16 16.47
CA ILE A 481 -3.88 1.53 15.60
C ILE A 481 -2.80 0.89 16.50
N VAL A 482 -2.45 -0.35 16.21
CA VAL A 482 -1.38 -1.08 16.85
C VAL A 482 -0.24 -1.28 15.85
N ASP A 483 0.99 -0.94 16.29
CA ASP A 483 2.20 -1.32 15.55
C ASP A 483 2.69 -2.69 16.02
N ARG A 484 2.61 -3.70 15.17
CA ARG A 484 3.22 -5.00 15.44
C ARG A 484 4.68 -4.91 14.99
N LEU A 485 5.59 -4.51 15.91
CA LEU A 485 6.92 -4.08 15.50
C LEU A 485 7.77 -5.22 14.94
N ASP A 486 7.55 -6.44 15.43
CA ASP A 486 8.23 -7.63 14.93
C ASP A 486 7.66 -8.15 13.58
N LEU A 487 6.45 -7.71 13.20
CA LEU A 487 5.80 -8.17 11.97
C LEU A 487 5.85 -7.17 10.82
N ASN A 488 6.39 -5.96 11.07
CA ASN A 488 6.33 -4.86 10.11
C ASN A 488 4.93 -4.67 9.54
N ARG A 489 3.92 -4.56 10.43
CA ARG A 489 2.60 -4.23 9.89
C ARG A 489 1.84 -3.49 11.00
N SER A 490 0.75 -2.86 10.61
CA SER A 490 -0.07 -2.13 11.55
C SER A 490 -1.44 -2.79 11.55
N GLU A 491 -2.21 -2.60 12.66
CA GLU A 491 -3.51 -3.20 12.68
C GLU A 491 -4.43 -2.24 13.42
N VAL A 492 -5.74 -2.43 13.29
CA VAL A 492 -6.71 -1.68 14.06
C VAL A 492 -7.34 -2.65 15.04
N VAL A 493 -7.26 -2.34 16.32
CA VAL A 493 -7.87 -3.21 17.31
C VAL A 493 -9.20 -2.56 17.65
N VAL A 494 -10.16 -3.43 17.96
CA VAL A 494 -11.50 -3.04 18.36
C VAL A 494 -11.76 -3.73 19.69
N ILE A 495 -12.25 -2.93 20.63
CA ILE A 495 -12.37 -3.42 22.00
C ILE A 495 -13.74 -3.00 22.47
N ASP A 496 -14.43 -3.93 23.11
CA ASP A 496 -15.74 -3.63 23.68
C ASP A 496 -15.52 -3.15 25.12
N THR A 497 -16.10 -2.01 25.49
CA THR A 497 -15.93 -1.45 26.85
C THR A 497 -16.47 -2.39 27.94
N ARG A 498 -17.27 -3.38 27.56
CA ARG A 498 -17.74 -4.33 28.56
C ARG A 498 -16.62 -5.27 28.99
N ASP A 499 -15.60 -5.44 28.13
CA ASP A 499 -14.37 -6.02 28.62
C ASP A 499 -13.15 -5.34 28.01
N PHE A 500 -12.65 -4.31 28.71
CA PHE A 500 -11.63 -3.41 28.15
C PHE A 500 -10.27 -4.09 27.97
N THR A 501 -10.05 -5.20 28.70
CA THR A 501 -8.79 -5.92 28.69
C THR A 501 -8.54 -6.70 27.39
N LYS A 502 -9.57 -6.89 26.58
CA LYS A 502 -9.56 -7.86 25.48
C LYS A 502 -10.02 -7.22 24.17
N ALA A 503 -9.26 -7.47 23.08
CA ALA A 503 -9.75 -7.15 21.75
C ALA A 503 -10.82 -8.12 21.27
N VAL A 504 -11.91 -7.59 20.69
CA VAL A 504 -12.92 -8.38 19.99
C VAL A 504 -12.44 -8.69 18.57
N ALA A 505 -11.77 -7.71 17.96
CA ALA A 505 -11.41 -7.86 16.56
C ALA A 505 -10.10 -7.16 16.27
N ALA A 506 -9.42 -7.59 15.17
CA ALA A 506 -8.22 -6.92 14.74
C ALA A 506 -8.29 -6.76 13.21
N VAL A 507 -8.28 -5.51 12.70
CA VAL A 507 -8.22 -5.28 11.28
C VAL A 507 -6.75 -5.37 10.90
N GLN A 508 -6.42 -6.24 9.94
CA GLN A 508 -5.03 -6.61 9.73
C GLN A 508 -4.62 -6.04 8.38
N LEU A 509 -3.82 -4.95 8.38
CA LEU A 509 -3.24 -4.49 7.14
C LEU A 509 -2.15 -5.46 6.67
N PRO A 510 -1.84 -5.50 5.37
CA PRO A 510 -0.69 -6.28 4.92
C PRO A 510 0.63 -5.55 5.02
N PHE A 511 0.63 -4.39 5.67
CA PHE A 511 1.79 -3.51 5.76
C PHE A 511 1.64 -2.64 7.00
N ALA A 512 2.74 -1.92 7.35
CA ALA A 512 2.75 -0.90 8.38
C ALA A 512 2.49 0.47 7.75
N ILE A 513 1.76 1.31 8.48
CA ILE A 513 1.56 2.72 8.22
C ILE A 513 2.37 3.51 9.26
N ARG A 514 2.61 4.81 8.98
CA ARG A 514 3.33 5.67 9.89
C ARG A 514 2.61 5.73 11.24
N SER A 515 3.36 5.86 12.32
CA SER A 515 2.68 6.13 13.58
C SER A 515 2.23 7.58 13.47
N GLY A 516 0.97 7.81 13.88
CA GLY A 516 0.33 9.07 13.59
C GLY A 516 0.12 9.93 14.82
N ILE A 517 -0.70 10.97 14.62
CA ILE A 517 -0.90 11.97 15.62
C ILE A 517 -2.29 11.71 16.23
N HIS A 518 -3.33 12.40 15.75
CA HIS A 518 -4.72 12.14 16.16
C HIS A 518 -5.51 11.39 15.09
N GLY A 519 -6.66 10.89 15.53
CA GLY A 519 -7.67 10.28 14.66
C GLY A 519 -9.04 10.48 15.30
N GLN A 520 -10.11 10.23 14.50
CA GLN A 520 -11.43 10.51 15.05
C GLN A 520 -12.32 9.37 14.57
N TRP A 521 -13.25 8.96 15.45
CA TRP A 521 -14.41 8.25 14.98
C TRP A 521 -15.42 9.27 14.42
N ILE A 522 -15.67 9.16 13.11
CA ILE A 522 -16.68 9.98 12.45
C ILE A 522 -17.93 9.16 12.10
N PRO A 523 -19.05 9.37 12.82
CA PRO A 523 -20.30 8.67 12.55
C PRO A 523 -20.74 8.73 11.10
N GLY A 524 -21.28 7.61 10.58
CA GLY A 524 -21.84 7.63 9.21
C GLY A 524 -22.84 8.77 8.97
N GLU A 525 -23.61 9.09 10.02
CA GLU A 525 -24.79 9.94 9.99
C GLU A 525 -24.42 11.40 9.77
N VAL A 526 -23.17 11.79 10.10
CA VAL A 526 -22.69 13.14 9.95
C VAL A 526 -21.78 13.20 8.72
N THR A 527 -21.66 12.08 7.99
CA THR A 527 -20.83 12.06 6.79
C THR A 527 -21.74 12.20 5.56
N PRO A 528 -21.61 13.24 4.71
CA PRO A 528 -22.40 13.29 3.49
C PRO A 528 -22.19 12.02 2.65
N ASP A 529 -23.32 11.45 2.19
CA ASP A 529 -23.37 10.41 1.17
C ASP A 529 -22.70 9.12 1.66
N PHE A 530 -22.68 8.90 2.99
CA PHE A 530 -22.06 7.73 3.59
C PHE A 530 -22.83 6.47 3.16
N GLU A 531 -24.14 6.60 2.94
CA GLU A 531 -25.01 5.53 2.49
C GLU A 531 -24.81 5.14 1.02
N THR A 532 -24.19 5.98 0.19
CA THR A 532 -24.04 5.73 -1.25
C THR A 532 -22.60 5.65 -1.77
N LYS A 533 -21.61 6.06 -0.97
CA LYS A 533 -20.23 6.18 -1.40
C LYS A 533 -19.40 5.37 -0.41
N GLY A 534 -18.57 4.45 -0.93
CA GLY A 534 -17.61 3.77 -0.07
C GLY A 534 -16.26 4.45 -0.25
N LEU A 535 -15.24 3.99 0.48
CA LEU A 535 -13.88 4.49 0.29
C LEU A 535 -13.32 4.03 -1.07
N VAL A 536 -13.93 2.95 -1.62
CA VAL A 536 -13.43 2.42 -2.89
C VAL A 536 -14.60 2.47 -3.88
N ASP A 537 -14.43 3.01 -5.10
CA ASP A 537 -15.57 3.03 -6.00
C ASP A 537 -15.79 1.61 -6.58
N LEU A 538 -17.03 1.13 -6.63
CA LEU A 538 -17.29 -0.23 -7.10
C LEU A 538 -17.05 -0.28 -8.60
N PRO A 539 -16.56 -1.40 -9.18
CA PRO A 539 -16.55 -1.50 -10.64
C PRO A 539 -17.97 -1.61 -11.19
N LYS A 540 -18.08 -1.43 -12.52
CA LYS A 540 -19.37 -1.42 -13.20
C LYS A 540 -20.03 -2.80 -13.10
N GLU A 541 -21.35 -2.82 -13.17
CA GLU A 541 -22.14 -4.05 -13.18
C GLU A 541 -22.00 -4.83 -14.49
N GLU A 542 -22.17 -4.15 -15.60
CA GLU A 542 -22.12 -4.77 -16.93
C GLU A 542 -20.82 -5.56 -17.12
N HIS A 543 -20.89 -6.77 -17.65
CA HIS A 543 -19.77 -7.60 -18.02
C HIS A 543 -19.05 -6.92 -19.18
N TRP A 544 -17.73 -6.99 -19.17
CA TRP A 544 -16.97 -6.60 -20.36
C TRP A 544 -17.21 -7.60 -21.47
N ALA A 545 -17.28 -8.89 -21.11
CA ALA A 545 -17.19 -9.88 -22.16
C ALA A 545 -18.57 -10.31 -22.66
N PRO A 546 -18.71 -10.69 -23.96
CA PRO A 546 -19.99 -11.24 -24.44
C PRO A 546 -20.29 -12.63 -23.88
N LEU A 547 -21.59 -13.03 -23.83
CA LEU A 547 -21.99 -14.37 -23.40
C LEU A 547 -21.30 -15.47 -24.20
N SER A 548 -21.07 -15.20 -25.47
CA SER A 548 -20.51 -16.18 -26.40
C SER A 548 -19.07 -16.60 -26.04
N GLN A 549 -18.38 -15.78 -25.25
CA GLN A 549 -16.98 -16.02 -24.91
C GLN A 549 -16.86 -17.00 -23.75
N SER A 550 -17.92 -17.25 -22.96
CA SER A 550 -17.81 -18.15 -21.81
C SER A 550 -17.31 -19.53 -22.27
N PRO A 551 -16.37 -20.16 -21.51
CA PRO A 551 -15.94 -21.51 -21.84
C PRO A 551 -17.06 -22.52 -21.61
N TYR A 552 -18.03 -22.14 -20.77
CA TYR A 552 -19.10 -23.04 -20.37
C TYR A 552 -20.24 -22.93 -21.39
N ASP A 553 -20.76 -24.11 -21.74
CA ASP A 553 -21.93 -24.29 -22.60
C ASP A 553 -22.94 -25.13 -21.84
N PRO A 554 -24.10 -24.57 -21.43
CA PRO A 554 -25.09 -25.33 -20.70
C PRO A 554 -25.58 -26.61 -21.39
N ASP A 555 -25.39 -26.72 -22.73
CA ASP A 555 -25.82 -27.89 -23.49
C ASP A 555 -24.72 -28.94 -23.59
N ALA A 556 -23.49 -28.56 -23.22
CA ALA A 556 -22.35 -29.48 -23.32
C ALA A 556 -22.44 -30.65 -22.33
N TYR B 32 6.56 -16.36 23.49
CA TYR B 32 5.53 -15.26 23.56
C TYR B 32 4.42 -15.54 22.55
N VAL B 33 3.16 -15.35 23.00
CA VAL B 33 2.04 -15.47 22.05
C VAL B 33 1.14 -14.25 22.18
N HIS B 34 0.82 -13.61 21.03
CA HIS B 34 -0.04 -12.43 21.00
C HIS B 34 -1.50 -12.85 21.11
N PRO B 35 -2.27 -12.42 22.16
CA PRO B 35 -3.68 -12.71 22.27
C PRO B 35 -4.53 -12.56 21.02
N THR B 36 -4.34 -11.49 20.23
CA THR B 36 -5.23 -11.24 19.11
C THR B 36 -4.90 -12.13 17.90
N ASP B 37 -3.74 -12.80 17.92
CA ASP B 37 -3.40 -13.77 16.88
C ASP B 37 -4.21 -15.07 16.95
N ILE B 38 -4.89 -15.29 18.09
CA ILE B 38 -5.70 -16.50 18.21
C ILE B 38 -7.14 -16.22 17.83
N LEU B 39 -7.47 -14.94 17.59
CA LEU B 39 -8.77 -14.56 17.05
C LEU B 39 -8.85 -15.13 15.63
N PRO B 40 -10.04 -15.67 15.24
CA PRO B 40 -10.25 -16.39 13.98
C PRO B 40 -10.29 -15.56 12.70
N SER B 41 -9.63 -16.09 11.65
CA SER B 41 -9.73 -15.66 10.26
C SER B 41 -10.77 -16.50 9.49
N GLY B 42 -11.43 -15.80 8.57
CA GLY B 42 -12.35 -16.36 7.60
C GLY B 42 -11.65 -16.56 6.25
N TRP B 43 -10.30 -16.45 6.24
CA TRP B 43 -9.51 -16.68 5.02
C TRP B 43 -9.06 -18.12 4.91
N PRO B 44 -9.27 -18.80 3.76
CA PRO B 44 -8.50 -20.02 3.46
C PRO B 44 -7.04 -19.68 3.13
N THR B 45 -6.20 -20.69 3.18
CA THR B 45 -4.82 -20.52 2.73
C THR B 45 -4.83 -20.21 1.24
N ALA B 46 -4.45 -18.97 0.90
CA ALA B 46 -4.40 -18.58 -0.50
C ALA B 46 -2.94 -18.39 -0.96
N THR B 47 -2.31 -19.46 -1.49
CA THR B 47 -0.90 -19.39 -1.79
C THR B 47 -0.69 -18.76 -3.18
N ASP B 48 0.52 -18.21 -3.39
CA ASP B 48 0.98 -17.89 -4.73
C ASP B 48 2.03 -18.93 -5.13
N LEU B 49 2.59 -18.82 -6.34
CA LEU B 49 3.47 -19.90 -6.82
C LEU B 49 4.65 -20.16 -5.89
N SER B 50 5.14 -19.08 -5.23
CA SER B 50 6.31 -19.13 -4.36
C SER B 50 6.05 -19.97 -3.12
N GLY B 51 4.77 -20.06 -2.76
CA GLY B 51 4.34 -20.77 -1.58
C GLY B 51 3.89 -19.79 -0.52
N GLY B 52 4.13 -18.49 -0.81
CA GLY B 52 3.77 -17.41 0.10
C GLY B 52 2.25 -17.36 0.25
N ALA B 53 1.77 -17.05 1.47
CA ALA B 53 0.34 -17.11 1.64
C ALA B 53 -0.26 -15.78 2.17
N GLN B 54 0.46 -14.67 2.07
CA GLN B 54 -0.10 -13.47 2.67
C GLN B 54 -0.86 -12.66 1.62
N PRO B 55 -2.22 -12.45 1.76
CA PRO B 55 -2.93 -11.52 0.88
C PRO B 55 -2.34 -10.11 1.01
N ARG B 56 -2.22 -9.38 -0.13
CA ARG B 56 -1.74 -8.02 -0.13
C ARG B 56 -2.90 -7.09 -0.53
N ARG B 57 -3.24 -7.08 -1.82
CA ARG B 57 -4.47 -6.54 -2.39
C ARG B 57 -4.50 -5.01 -2.37
N PHE B 58 -3.35 -4.39 -2.26
CA PHE B 58 -3.38 -2.91 -2.26
C PHE B 58 -3.51 -2.39 -3.68
N GLU B 59 -4.23 -1.25 -3.77
CA GLU B 59 -4.34 -0.60 -5.07
C GLU B 59 -3.99 0.85 -4.84
N GLY B 60 -2.98 1.30 -5.58
CA GLY B 60 -2.50 2.65 -5.29
C GLY B 60 -1.08 2.90 -5.77
N THR B 61 -0.52 4.06 -5.32
CA THR B 61 0.76 4.52 -5.88
C THR B 61 1.73 4.90 -4.76
N ILE B 62 2.97 5.06 -5.22
CA ILE B 62 4.03 5.76 -4.50
C ILE B 62 4.79 6.62 -5.52
N PHE B 63 4.88 7.91 -5.24
CA PHE B 63 5.62 8.81 -6.14
C PHE B 63 7.05 8.88 -5.63
N ASP B 64 8.05 8.69 -6.53
CA ASP B 64 9.41 8.81 -6.04
C ASP B 64 9.73 7.73 -4.99
N VAL B 65 9.53 6.46 -5.40
CA VAL B 65 9.89 5.26 -4.63
C VAL B 65 11.33 5.37 -4.11
N MET B 66 11.55 5.01 -2.82
CA MET B 66 12.90 5.06 -2.26
C MET B 66 13.85 4.15 -3.04
N THR B 67 15.03 4.65 -3.42
CA THR B 67 16.02 3.84 -4.12
C THR B 67 17.35 3.89 -3.34
N ARG B 68 18.01 2.71 -3.22
CA ARG B 68 19.36 2.64 -2.70
C ARG B 68 20.29 2.52 -3.91
N GLY B 69 21.30 3.40 -3.98
CA GLY B 69 22.27 3.40 -5.06
C GLY B 69 21.71 4.20 -6.22
N THR B 70 22.37 4.12 -7.38
CA THR B 70 22.05 5.07 -8.42
C THR B 70 21.26 4.35 -9.50
N ILE B 71 20.07 4.90 -9.83
CA ILE B 71 19.22 4.34 -10.89
C ILE B 71 19.83 4.71 -12.23
N PRO B 72 20.19 3.74 -13.10
CA PRO B 72 20.87 4.11 -14.34
C PRO B 72 19.99 5.01 -15.19
N LYS B 73 20.56 6.11 -15.70
CA LYS B 73 19.88 7.04 -16.59
C LYS B 73 19.39 6.36 -17.88
N GLU B 74 19.90 5.17 -18.14
CA GLU B 74 19.54 4.49 -19.39
C GLU B 74 18.19 3.80 -19.28
N LEU B 75 17.68 3.63 -18.05
CA LEU B 75 16.35 3.05 -17.94
C LEU B 75 15.32 4.11 -18.29
N HIS B 76 14.50 3.81 -19.31
CA HIS B 76 13.48 4.75 -19.78
C HIS B 76 12.27 3.94 -20.25
N GLY B 77 11.34 3.69 -19.33
CA GLY B 77 10.37 2.63 -19.57
C GLY B 77 9.73 2.14 -18.25
N THR B 78 9.01 1.01 -18.30
CA THR B 78 8.21 0.58 -17.17
C THR B 78 8.40 -0.93 -17.05
N PHE B 79 8.69 -1.37 -15.82
CA PHE B 79 8.68 -2.77 -15.48
C PHE B 79 7.27 -3.05 -14.92
N TYR B 80 6.47 -3.75 -15.73
CA TYR B 80 5.16 -4.19 -15.29
C TYR B 80 5.26 -5.64 -14.85
N ARG B 81 4.63 -5.93 -13.68
CA ARG B 81 4.72 -7.29 -13.20
C ARG B 81 3.32 -7.69 -12.76
N ILE B 82 2.94 -8.95 -13.01
CA ILE B 82 1.57 -9.33 -12.68
C ILE B 82 1.60 -10.44 -11.64
N MET B 83 0.68 -10.34 -10.66
CA MET B 83 0.69 -11.35 -9.62
C MET B 83 -0.73 -11.87 -9.36
N PRO B 84 -0.91 -13.10 -8.80
CA PRO B 84 -2.22 -13.53 -8.40
C PRO B 84 -2.45 -13.16 -6.93
N ASP B 85 -3.61 -12.55 -6.64
CA ASP B 85 -3.71 -12.01 -5.28
C ASP B 85 -5.21 -11.96 -5.00
N TYR B 86 -5.80 -13.12 -4.81
CA TYR B 86 -7.24 -13.18 -4.58
C TYR B 86 -7.77 -11.96 -3.83
N ALA B 87 -8.71 -11.21 -4.44
CA ALA B 87 -9.14 -9.91 -3.90
C ALA B 87 -10.16 -10.15 -2.79
N GLN B 88 -10.90 -11.28 -2.83
CA GLN B 88 -11.81 -11.70 -1.74
C GLN B 88 -11.36 -13.11 -1.27
N PRO B 89 -11.66 -13.54 0.00
CA PRO B 89 -11.35 -14.89 0.44
C PRO B 89 -12.12 -15.89 -0.43
N PRO B 90 -11.42 -16.81 -1.20
CA PRO B 90 -12.03 -17.63 -2.24
C PRO B 90 -12.90 -18.79 -1.70
N THR B 91 -13.91 -18.49 -0.86
CA THR B 91 -14.51 -19.55 -0.05
C THR B 91 -15.69 -20.22 -0.76
N TYR B 92 -16.03 -19.85 -2.00
CA TYR B 92 -17.22 -20.34 -2.71
C TYR B 92 -17.33 -21.88 -2.69
N TYR B 93 -16.31 -22.53 -3.26
CA TYR B 93 -16.36 -23.98 -3.44
C TYR B 93 -15.46 -24.67 -2.41
N LYS B 94 -16.05 -25.64 -1.68
CA LYS B 94 -15.40 -26.38 -0.58
C LYS B 94 -14.57 -25.45 0.32
N GLY B 95 -15.11 -24.24 0.61
CA GLY B 95 -14.50 -23.26 1.50
C GLY B 95 -13.14 -22.79 0.97
N GLY B 96 -12.91 -23.04 -0.34
CA GLY B 96 -11.67 -22.64 -0.99
C GLY B 96 -10.49 -23.56 -0.68
N GLU B 97 -10.78 -24.79 -0.22
CA GLU B 97 -9.69 -25.63 0.26
C GLU B 97 -8.82 -26.15 -0.91
N LEU B 98 -9.37 -26.04 -2.12
CA LEU B 98 -8.68 -26.55 -3.29
C LEU B 98 -8.22 -25.41 -4.23
N ASN B 99 -8.10 -24.17 -3.72
CA ASN B 99 -7.69 -23.06 -4.60
C ASN B 99 -6.26 -23.35 -4.99
N ALA B 100 -5.90 -23.10 -6.26
CA ALA B 100 -4.54 -23.34 -6.74
C ALA B 100 -3.71 -22.04 -6.67
N PRO B 101 -2.35 -22.07 -6.55
CA PRO B 101 -1.54 -20.83 -6.56
C PRO B 101 -1.71 -19.94 -7.81
N ILE B 102 -2.15 -20.53 -8.92
CA ILE B 102 -2.36 -19.86 -10.19
C ILE B 102 -3.78 -19.33 -10.30
N ASP B 103 -4.59 -19.37 -9.20
CA ASP B 103 -5.97 -18.97 -9.36
C ASP B 103 -6.20 -17.46 -9.18
N GLY B 104 -5.46 -16.80 -8.27
CA GLY B 104 -6.01 -15.56 -7.69
C GLY B 104 -6.08 -14.39 -8.69
N ASP B 105 -7.03 -13.47 -8.45
CA ASP B 105 -7.29 -12.30 -9.29
C ASP B 105 -5.99 -11.57 -9.62
N GLY B 106 -5.79 -11.29 -10.92
CA GLY B 106 -4.58 -10.63 -11.40
C GLY B 106 -4.47 -9.17 -10.90
N THR B 107 -3.31 -8.82 -10.35
CA THR B 107 -3.02 -7.44 -10.06
C THR B 107 -1.69 -7.08 -10.72
N VAL B 108 -1.61 -5.89 -11.29
CA VAL B 108 -0.44 -5.43 -12.07
C VAL B 108 0.27 -4.38 -11.22
N ALA B 109 1.57 -4.60 -10.95
CA ALA B 109 2.36 -3.55 -10.32
C ALA B 109 3.20 -2.92 -11.42
N ALA B 110 3.18 -1.59 -11.56
CA ALA B 110 4.03 -0.95 -12.55
C ALA B 110 5.14 -0.16 -11.83
N PHE B 111 6.37 -0.23 -12.36
CA PHE B 111 7.52 0.53 -11.84
C PHE B 111 8.15 1.35 -12.94
N ARG B 112 7.90 2.65 -12.93
CA ARG B 112 8.23 3.44 -14.11
C ARG B 112 9.49 4.28 -13.81
N PHE B 113 10.48 4.12 -14.71
CA PHE B 113 11.84 4.62 -14.63
C PHE B 113 11.96 5.71 -15.71
N LYS B 114 12.26 6.92 -15.22
CA LYS B 114 12.33 8.09 -16.08
C LYS B 114 13.30 9.05 -15.40
N ASP B 115 14.41 9.31 -16.11
CA ASP B 115 15.44 10.22 -15.59
C ASP B 115 15.87 9.84 -14.17
N GLY B 116 15.93 8.54 -13.85
CA GLY B 116 16.53 8.11 -12.60
C GLY B 116 15.47 8.17 -11.46
N LYS B 117 14.25 8.64 -11.77
CA LYS B 117 13.20 8.60 -10.74
C LYS B 117 12.40 7.33 -11.00
N VAL B 118 11.79 6.74 -9.94
CA VAL B 118 10.96 5.55 -10.05
C VAL B 118 9.61 5.82 -9.37
N ASP B 119 8.52 5.52 -10.11
CA ASP B 119 7.21 5.60 -9.48
C ASP B 119 6.58 4.19 -9.58
N TYR B 120 5.59 3.98 -8.70
CA TYR B 120 4.97 2.68 -8.63
C TYR B 120 3.48 2.91 -8.61
N ARG B 121 2.78 1.98 -9.26
CA ARG B 121 1.33 1.87 -9.22
C ARG B 121 0.97 0.39 -9.24
N GLN B 122 0.03 0.05 -8.34
CA GLN B 122 -0.56 -1.27 -8.37
C GLN B 122 -2.06 -1.23 -8.50
N ARG B 123 -2.61 -2.12 -9.34
CA ARG B 123 -4.05 -2.14 -9.58
C ARG B 123 -4.53 -3.53 -10.01
N PHE B 124 -5.69 -3.90 -9.44
CA PHE B 124 -6.29 -5.16 -9.91
C PHE B 124 -6.86 -5.01 -11.31
N VAL B 125 -6.69 -6.07 -12.15
CA VAL B 125 -7.36 -6.11 -13.45
C VAL B 125 -8.86 -6.21 -13.17
N GLU B 126 -9.67 -5.34 -13.81
CA GLU B 126 -11.10 -5.40 -13.56
C GLU B 126 -11.73 -6.45 -14.49
N THR B 127 -11.36 -7.73 -14.31
CA THR B 127 -11.98 -8.83 -15.03
C THR B 127 -13.45 -8.90 -14.63
N ASP B 128 -14.26 -9.56 -15.50
CA ASP B 128 -15.65 -9.83 -15.16
C ASP B 128 -15.75 -10.52 -13.81
N ARG B 129 -14.89 -11.53 -13.63
CA ARG B 129 -14.82 -12.26 -12.37
C ARG B 129 -14.58 -11.33 -11.16
N PHE B 130 -13.55 -10.49 -11.26
CA PHE B 130 -13.21 -9.53 -10.22
C PHE B 130 -14.39 -8.64 -9.89
N LYS B 131 -15.05 -8.14 -10.97
CA LYS B 131 -16.12 -7.18 -10.75
C LYS B 131 -17.26 -7.81 -9.95
N VAL B 132 -17.64 -9.03 -10.41
CA VAL B 132 -18.72 -9.77 -9.78
C VAL B 132 -18.42 -9.88 -8.28
N GLU B 133 -17.23 -10.42 -7.99
CA GLU B 133 -16.84 -10.72 -6.61
C GLU B 133 -16.72 -9.47 -5.72
N ARG B 134 -16.21 -8.39 -6.29
CA ARG B 134 -16.05 -7.10 -5.65
C ARG B 134 -17.44 -6.60 -5.26
N ARG B 135 -18.34 -6.60 -6.28
CA ARG B 135 -19.62 -5.99 -6.05
C ARG B 135 -20.44 -6.76 -5.01
N ALA B 136 -20.32 -8.12 -5.02
CA ALA B 136 -20.99 -9.03 -4.10
C ALA B 136 -20.29 -9.15 -2.74
N ARG B 137 -19.04 -8.64 -2.64
CA ARG B 137 -18.15 -8.80 -1.51
C ARG B 137 -18.08 -10.29 -1.17
N LYS B 138 -17.91 -11.14 -2.20
CA LYS B 138 -18.14 -12.57 -2.02
C LYS B 138 -17.50 -13.36 -3.15
N SER B 139 -16.79 -14.41 -2.74
CA SER B 139 -16.28 -15.41 -3.70
C SER B 139 -17.46 -16.09 -4.39
N MET B 140 -17.40 -16.25 -5.72
CA MET B 140 -18.47 -16.82 -6.53
C MET B 140 -17.84 -17.76 -7.58
N TYR B 141 -16.54 -18.06 -7.44
CA TYR B 141 -15.82 -18.93 -8.37
C TYR B 141 -15.19 -20.09 -7.61
N GLY B 142 -15.24 -21.30 -8.20
CA GLY B 142 -14.63 -22.47 -7.57
C GLY B 142 -13.26 -22.77 -8.19
N LEU B 143 -13.12 -24.03 -8.63
CA LEU B 143 -11.83 -24.57 -9.00
C LEU B 143 -11.29 -23.90 -10.28
N TYR B 144 -9.94 -23.90 -10.37
CA TYR B 144 -9.27 -23.44 -11.58
C TYR B 144 -9.94 -24.03 -12.80
N ARG B 145 -10.46 -23.18 -13.70
CA ARG B 145 -10.97 -23.53 -15.02
C ARG B 145 -12.11 -24.56 -14.93
N ASN B 146 -12.93 -24.53 -13.84
CA ASN B 146 -14.06 -25.41 -13.80
C ASN B 146 -15.35 -24.63 -13.54
N PRO B 147 -16.05 -24.14 -14.59
CA PRO B 147 -17.37 -23.55 -14.43
C PRO B 147 -18.41 -24.38 -13.68
N TYR B 148 -18.27 -25.72 -13.68
CA TYR B 148 -19.22 -26.61 -13.00
C TYR B 148 -19.11 -26.47 -11.46
N THR B 149 -18.06 -25.79 -11.00
CA THR B 149 -17.80 -25.45 -9.59
C THR B 149 -17.97 -23.94 -9.28
N HIS B 150 -18.47 -23.15 -10.22
CA HIS B 150 -18.70 -21.74 -10.00
C HIS B 150 -20.13 -21.55 -9.53
N HIS B 151 -20.40 -20.31 -9.05
CA HIS B 151 -21.74 -19.93 -8.66
C HIS B 151 -22.66 -19.94 -9.90
N PRO B 152 -23.91 -20.48 -9.81
CA PRO B 152 -24.86 -20.53 -10.92
C PRO B 152 -24.98 -19.24 -11.72
N CYS B 153 -24.94 -18.10 -11.01
CA CYS B 153 -25.09 -16.80 -11.65
C CYS B 153 -23.87 -16.43 -12.52
N VAL B 154 -22.72 -17.07 -12.33
CA VAL B 154 -21.52 -16.68 -13.08
C VAL B 154 -20.99 -17.79 -13.96
N ARG B 155 -21.72 -18.93 -14.09
CA ARG B 155 -21.20 -20.04 -14.83
C ARG B 155 -20.88 -19.68 -16.27
N GLN B 156 -21.71 -18.79 -16.87
CA GLN B 156 -21.57 -18.44 -18.27
C GLN B 156 -20.81 -17.11 -18.46
N THR B 157 -19.91 -16.82 -17.52
CA THR B 157 -19.09 -15.61 -17.57
C THR B 157 -17.73 -16.03 -18.18
N VAL B 158 -16.99 -15.04 -18.62
CA VAL B 158 -15.52 -15.23 -18.77
C VAL B 158 -14.93 -15.36 -17.34
N GLU B 159 -14.28 -16.49 -17.04
CA GLU B 159 -13.83 -16.89 -15.71
C GLU B 159 -12.35 -16.52 -15.45
N SER B 160 -11.69 -15.96 -16.49
CA SER B 160 -10.30 -15.54 -16.41
C SER B 160 -10.04 -14.52 -15.30
N THR B 161 -9.01 -14.78 -14.50
CA THR B 161 -8.49 -13.80 -13.55
C THR B 161 -7.37 -12.95 -14.16
N ALA B 162 -6.99 -13.19 -15.43
CA ALA B 162 -6.05 -12.35 -16.13
C ALA B 162 -4.81 -12.08 -15.28
N ASN B 163 -4.06 -13.12 -14.94
CA ASN B 163 -3.11 -12.99 -13.84
C ASN B 163 -1.72 -13.55 -14.12
N THR B 164 -1.38 -13.75 -15.42
CA THR B 164 -0.18 -14.52 -15.79
C THR B 164 0.89 -13.69 -16.48
N ASN B 165 0.51 -12.77 -17.40
CA ASN B 165 1.48 -12.07 -18.19
C ASN B 165 0.85 -10.80 -18.75
N VAL B 166 1.75 -9.90 -19.21
CA VAL B 166 1.35 -8.63 -19.75
C VAL B 166 2.12 -8.45 -21.08
N VAL B 167 1.55 -7.57 -21.95
CA VAL B 167 2.22 -7.20 -23.21
C VAL B 167 1.75 -5.81 -23.64
N MET B 168 2.64 -5.03 -24.30
CA MET B 168 2.21 -3.79 -24.96
C MET B 168 2.28 -4.08 -26.46
N HIS B 169 1.11 -4.11 -27.14
CA HIS B 169 1.11 -4.44 -28.55
C HIS B 169 0.10 -3.54 -29.25
N ALA B 170 0.58 -2.94 -30.35
CA ALA B 170 -0.23 -2.00 -31.13
C ALA B 170 -0.85 -0.93 -30.23
N GLY B 171 0.03 -0.36 -29.37
CA GLY B 171 -0.29 0.73 -28.45
C GLY B 171 -1.30 0.37 -27.37
N ARG B 172 -1.58 -0.94 -27.22
CA ARG B 172 -2.52 -1.50 -26.25
C ARG B 172 -1.79 -2.37 -25.22
N PHE B 173 -2.13 -2.11 -23.93
CA PHE B 173 -1.51 -2.80 -22.83
C PHE B 173 -2.46 -3.86 -22.34
N LEU B 174 -1.98 -5.12 -22.31
CA LEU B 174 -2.87 -6.28 -22.10
C LEU B 174 -2.40 -7.11 -20.93
N ALA B 175 -3.35 -7.46 -20.03
CA ALA B 175 -3.24 -8.53 -19.04
C ALA B 175 -3.91 -9.83 -19.56
N MET B 176 -3.21 -10.95 -19.43
CA MET B 176 -3.46 -12.23 -20.10
C MET B 176 -3.52 -13.41 -19.13
N LYS B 177 -4.45 -14.30 -19.39
CA LYS B 177 -4.53 -15.63 -18.80
C LYS B 177 -5.15 -16.52 -19.88
N GLU B 178 -4.63 -17.75 -20.02
CA GLU B 178 -4.83 -18.59 -21.20
C GLU B 178 -6.24 -19.14 -21.30
N ASN B 179 -7.09 -18.99 -20.23
CA ASN B 179 -8.46 -19.48 -20.27
C ASN B 179 -9.44 -18.43 -20.82
N GLY B 180 -8.92 -17.24 -21.25
CA GLY B 180 -9.78 -16.27 -21.94
C GLY B 180 -8.96 -15.38 -22.87
N ASN B 181 -9.63 -14.47 -23.55
CA ASN B 181 -8.95 -13.36 -24.22
C ASN B 181 -8.42 -12.40 -23.17
N ALA B 182 -7.65 -11.44 -23.69
CA ALA B 182 -6.99 -10.49 -22.83
C ALA B 182 -7.94 -9.40 -22.37
N TYR B 183 -7.62 -8.81 -21.22
CA TYR B 183 -8.20 -7.53 -20.85
C TYR B 183 -7.17 -6.42 -21.08
N GLU B 184 -7.57 -5.30 -21.71
CA GLU B 184 -6.77 -4.11 -21.86
C GLU B 184 -6.89 -3.23 -20.63
N MET B 185 -5.77 -2.58 -20.28
CA MET B 185 -5.74 -1.60 -19.21
C MET B 185 -5.04 -0.36 -19.75
N ASP B 186 -5.38 0.78 -19.16
CA ASP B 186 -4.63 1.99 -19.43
C ASP B 186 -3.20 1.81 -18.91
N PRO B 187 -2.11 2.10 -19.66
CA PRO B 187 -0.75 1.88 -19.16
C PRO B 187 -0.21 2.86 -18.09
N HIS B 188 -0.99 3.94 -17.79
CA HIS B 188 -0.53 4.90 -16.81
C HIS B 188 -1.37 4.75 -15.52
N THR B 189 -2.71 4.64 -15.65
CA THR B 189 -3.62 4.62 -14.51
C THR B 189 -3.92 3.16 -14.13
N LEU B 190 -3.60 2.22 -15.04
CA LEU B 190 -4.02 0.80 -14.94
C LEU B 190 -5.54 0.59 -14.89
N LYS B 191 -6.33 1.60 -15.29
CA LYS B 191 -7.78 1.42 -15.43
C LYS B 191 -8.05 0.35 -16.49
N THR B 192 -9.01 -0.57 -16.17
CA THR B 192 -9.42 -1.52 -17.21
C THR B 192 -10.31 -0.83 -18.27
N LEU B 193 -9.93 -1.06 -19.52
CA LEU B 193 -10.59 -0.46 -20.70
C LEU B 193 -11.53 -1.39 -21.46
N GLY B 194 -11.34 -2.72 -21.37
CA GLY B 194 -12.20 -3.62 -22.14
C GLY B 194 -11.63 -5.03 -22.20
N TYR B 195 -12.31 -5.90 -23.00
CA TYR B 195 -11.99 -7.31 -23.13
C TYR B 195 -11.85 -7.61 -24.60
N ASN B 196 -10.82 -8.43 -24.92
CA ASN B 196 -10.53 -8.89 -26.28
C ASN B 196 -10.46 -7.74 -27.26
N PRO B 197 -9.45 -6.85 -27.09
CA PRO B 197 -9.32 -5.67 -27.93
C PRO B 197 -9.01 -5.95 -29.39
N PHE B 198 -8.33 -7.07 -29.67
CA PHE B 198 -8.08 -7.44 -31.06
C PHE B 198 -9.21 -8.33 -31.65
N ASN B 199 -10.32 -8.52 -30.91
CA ASN B 199 -11.48 -9.20 -31.48
C ASN B 199 -11.18 -10.58 -32.06
N LEU B 200 -10.33 -11.38 -31.34
CA LEU B 200 -10.04 -12.74 -31.71
C LEU B 200 -11.30 -13.59 -31.66
N PRO B 201 -11.48 -14.47 -32.68
CA PRO B 201 -12.63 -15.37 -32.72
C PRO B 201 -12.57 -16.54 -31.74
N SER B 202 -11.38 -16.77 -31.18
CA SER B 202 -11.24 -17.85 -30.20
C SER B 202 -11.84 -17.39 -28.85
N LYS B 203 -12.30 -18.37 -28.03
CA LYS B 203 -12.73 -18.04 -26.66
C LYS B 203 -11.52 -17.71 -25.78
N THR B 204 -10.27 -18.01 -26.30
CA THR B 204 -9.09 -17.94 -25.46
C THR B 204 -7.92 -17.30 -26.20
N MET B 205 -6.95 -16.80 -25.43
CA MET B 205 -5.67 -16.39 -25.98
C MET B 205 -4.60 -16.81 -24.98
N THR B 206 -3.54 -17.43 -25.51
CA THR B 206 -2.38 -17.75 -24.67
C THR B 206 -1.94 -16.50 -23.89
N ALA B 207 -1.28 -16.73 -22.74
CA ALA B 207 -0.59 -15.65 -22.03
C ALA B 207 0.83 -15.57 -22.49
N HIS B 208 1.19 -16.35 -23.53
CA HIS B 208 2.56 -16.30 -24.00
C HIS B 208 2.59 -16.02 -25.51
N PRO B 209 2.01 -14.89 -26.02
CA PRO B 209 2.25 -14.49 -27.38
C PRO B 209 3.63 -13.94 -27.53
N LYS B 210 4.14 -14.07 -28.73
CA LYS B 210 5.48 -13.57 -28.93
C LYS B 210 5.42 -12.45 -29.97
N GLN B 211 6.17 -11.38 -29.70
CA GLN B 211 6.26 -10.24 -30.61
C GLN B 211 7.53 -10.35 -31.43
N CYS B 212 7.29 -10.73 -32.66
CA CYS B 212 8.25 -10.96 -33.73
C CYS B 212 9.08 -9.70 -33.96
N SER B 213 10.40 -9.85 -33.88
CA SER B 213 11.26 -8.68 -34.03
C SER B 213 11.43 -8.30 -35.50
N VAL B 214 10.93 -9.15 -36.44
CA VAL B 214 11.07 -8.87 -37.86
C VAL B 214 9.84 -8.10 -38.37
N THR B 215 8.66 -8.73 -38.20
CA THR B 215 7.38 -8.21 -38.68
C THR B 215 6.75 -7.28 -37.64
N GLY B 216 7.07 -7.42 -36.33
CA GLY B 216 6.31 -6.64 -35.35
C GLY B 216 5.00 -7.31 -34.94
N ASN B 217 4.69 -8.47 -35.56
CA ASN B 217 3.43 -9.18 -35.30
C ASN B 217 3.41 -9.82 -33.91
N LEU B 218 2.24 -9.69 -33.26
CA LEU B 218 2.00 -10.42 -32.03
C LEU B 218 1.57 -11.82 -32.44
N VAL B 219 2.48 -12.82 -32.31
CA VAL B 219 2.15 -14.13 -32.83
C VAL B 219 1.77 -15.04 -31.66
N GLY B 220 0.67 -15.76 -31.79
CA GLY B 220 0.15 -16.49 -30.64
C GLY B 220 -0.90 -17.50 -31.10
N PHE B 221 -1.67 -18.00 -30.13
CA PHE B 221 -2.61 -19.07 -30.35
C PHE B 221 -3.59 -19.00 -29.17
N GLY B 222 -4.71 -19.74 -29.28
CA GLY B 222 -5.56 -19.98 -28.12
C GLY B 222 -5.94 -21.45 -28.16
N TYR B 223 -5.84 -22.24 -27.05
CA TYR B 223 -6.33 -23.63 -27.05
C TYR B 223 -7.58 -23.70 -26.18
N GLU B 224 -8.31 -24.84 -26.25
CA GLU B 224 -9.69 -24.95 -25.82
C GLU B 224 -10.48 -23.81 -26.47
N ALA B 225 -10.22 -23.61 -27.79
CA ALA B 225 -10.61 -22.36 -28.46
C ALA B 225 -12.13 -22.30 -28.64
N LYS B 226 -12.77 -23.48 -28.55
CA LYS B 226 -14.22 -23.55 -28.73
C LYS B 226 -14.93 -23.80 -27.41
N GLY B 227 -14.23 -23.75 -26.28
CA GLY B 227 -14.89 -23.98 -24.98
C GLY B 227 -14.21 -25.09 -24.18
N LEU B 228 -14.76 -25.42 -22.99
CA LEU B 228 -14.09 -26.27 -22.02
C LEU B 228 -13.82 -27.66 -22.63
N ALA B 229 -12.56 -28.10 -22.54
CA ALA B 229 -12.10 -29.42 -22.93
C ALA B 229 -12.08 -29.61 -24.46
N THR B 230 -12.27 -28.55 -25.26
CA THR B 230 -12.24 -28.69 -26.70
C THR B 230 -10.79 -28.83 -27.16
N LYS B 231 -10.62 -29.60 -28.23
CA LYS B 231 -9.28 -29.83 -28.80
C LYS B 231 -8.86 -28.71 -29.74
N ASP B 232 -9.79 -27.82 -30.13
CA ASP B 232 -9.51 -26.70 -31.03
C ASP B 232 -8.38 -25.79 -30.53
N VAL B 233 -7.46 -25.52 -31.45
CA VAL B 233 -6.45 -24.48 -31.34
C VAL B 233 -6.65 -23.49 -32.48
N TYR B 234 -6.53 -22.19 -32.12
CA TYR B 234 -6.61 -21.09 -33.08
C TYR B 234 -5.26 -20.36 -33.08
N TYR B 235 -4.53 -20.40 -34.21
CA TYR B 235 -3.27 -19.72 -34.41
C TYR B 235 -3.54 -18.33 -35.00
N PHE B 236 -2.79 -17.30 -34.57
CA PHE B 236 -2.98 -15.95 -35.11
C PHE B 236 -1.65 -15.22 -35.18
N GLU B 237 -1.59 -14.21 -36.11
CA GLU B 237 -0.67 -13.09 -35.99
C GLU B 237 -1.49 -11.79 -36.05
N VAL B 238 -1.32 -10.93 -35.06
CA VAL B 238 -1.91 -9.59 -35.02
C VAL B 238 -0.80 -8.63 -35.42
N ASP B 239 -1.01 -7.82 -36.50
CA ASP B 239 0.05 -6.94 -36.98
C ASP B 239 0.22 -5.73 -36.05
N PRO B 240 1.23 -4.84 -36.25
CA PRO B 240 1.43 -3.62 -35.44
C PRO B 240 0.25 -2.66 -35.38
N SER B 241 -0.74 -2.85 -36.26
CA SER B 241 -1.90 -1.97 -36.36
C SER B 241 -3.04 -2.54 -35.53
N GLY B 242 -2.91 -3.81 -35.06
CA GLY B 242 -3.94 -4.42 -34.21
C GLY B 242 -5.02 -5.20 -34.98
N LYS B 243 -4.69 -5.68 -36.20
CA LYS B 243 -5.58 -6.50 -37.02
C LYS B 243 -4.97 -7.90 -37.15
N VAL B 244 -5.83 -8.95 -37.09
CA VAL B 244 -5.37 -10.29 -37.36
C VAL B 244 -5.05 -10.31 -38.86
N VAL B 245 -3.82 -10.56 -39.19
CA VAL B 245 -3.35 -10.64 -40.58
C VAL B 245 -3.18 -12.08 -41.07
N ARG B 246 -3.04 -13.02 -40.13
CA ARG B 246 -2.90 -14.44 -40.44
C ARG B 246 -3.62 -15.21 -39.34
N ASP B 247 -4.32 -16.30 -39.69
CA ASP B 247 -4.80 -17.21 -38.67
C ASP B 247 -4.99 -18.61 -39.27
N LEU B 248 -5.37 -19.58 -38.42
CA LEU B 248 -5.62 -20.97 -38.81
C LEU B 248 -6.31 -21.67 -37.65
N TRP B 249 -7.30 -22.50 -37.96
CA TRP B 249 -7.89 -23.37 -36.96
C TRP B 249 -7.36 -24.79 -37.19
N LEU B 250 -7.03 -25.42 -36.06
CA LEU B 250 -6.44 -26.75 -36.02
C LEU B 250 -6.86 -27.37 -34.69
N GLU B 251 -6.24 -28.52 -34.39
CA GLU B 251 -6.52 -29.27 -33.17
C GLU B 251 -5.24 -29.79 -32.56
N ALA B 252 -5.30 -29.92 -31.23
CA ALA B 252 -4.27 -30.62 -30.50
C ALA B 252 -4.59 -32.13 -30.54
N PRO B 253 -3.58 -33.04 -30.46
CA PRO B 253 -3.84 -34.48 -30.49
C PRO B 253 -4.68 -34.95 -29.29
N TRP B 254 -4.52 -34.26 -28.16
CA TRP B 254 -5.43 -34.44 -27.01
C TRP B 254 -5.80 -33.08 -26.47
N CYS B 255 -6.79 -32.95 -25.54
CA CYS B 255 -6.94 -31.63 -24.96
C CYS B 255 -5.86 -31.52 -23.87
N ALA B 256 -4.77 -30.79 -24.23
CA ALA B 256 -3.53 -30.64 -23.51
C ALA B 256 -3.38 -29.24 -22.93
N PHE B 257 -2.60 -29.09 -21.82
CA PHE B 257 -2.30 -27.77 -21.28
C PHE B 257 -1.14 -27.18 -22.08
N ILE B 258 -1.47 -26.29 -23.03
CA ILE B 258 -0.53 -25.66 -23.93
C ILE B 258 -0.21 -24.28 -23.38
N HIS B 259 0.71 -24.24 -22.42
CA HIS B 259 0.95 -22.98 -21.70
C HIS B 259 1.79 -22.00 -22.51
N ASP B 260 2.83 -22.52 -23.19
CA ASP B 260 3.83 -21.62 -23.78
C ASP B 260 4.13 -22.15 -25.19
N CYS B 261 5.01 -21.41 -25.87
CA CYS B 261 5.36 -21.67 -27.25
C CYS B 261 6.74 -21.10 -27.57
N ALA B 262 7.21 -21.39 -28.79
CA ALA B 262 8.40 -20.69 -29.27
C ALA B 262 8.15 -20.13 -30.68
N LEU B 263 8.61 -18.89 -30.93
CA LEU B 263 8.53 -18.30 -32.25
C LEU B 263 9.88 -18.40 -32.94
N THR B 264 9.84 -18.76 -34.22
CA THR B 264 11.02 -18.79 -35.08
C THR B 264 10.66 -18.05 -36.37
N PRO B 265 11.61 -17.88 -37.36
CA PRO B 265 11.25 -17.10 -38.53
C PRO B 265 10.08 -17.66 -39.34
N ASN B 266 10.00 -18.99 -39.38
CA ASN B 266 9.05 -19.71 -40.21
C ASN B 266 7.95 -20.46 -39.43
N TYR B 267 8.00 -20.50 -38.08
CA TYR B 267 7.06 -21.36 -37.36
C TYR B 267 6.61 -20.68 -36.07
N LEU B 268 5.39 -21.01 -35.66
CA LEU B 268 5.02 -20.97 -34.24
C LEU B 268 5.08 -22.41 -33.73
N VAL B 269 5.80 -22.64 -32.62
CA VAL B 269 5.83 -24.02 -32.11
C VAL B 269 5.12 -24.11 -30.74
N LEU B 270 4.06 -24.90 -30.65
CA LEU B 270 3.29 -25.06 -29.40
C LEU B 270 3.93 -26.10 -28.51
N MET B 271 4.00 -25.88 -27.20
CA MET B 271 4.57 -26.86 -26.30
C MET B 271 3.47 -27.48 -25.45
N LEU B 272 3.25 -28.81 -25.57
CA LEU B 272 2.17 -29.49 -24.86
C LEU B 272 2.68 -30.05 -23.54
N TRP B 273 1.99 -29.71 -22.42
CA TRP B 273 2.33 -30.33 -21.15
C TRP B 273 1.55 -31.63 -21.03
N PRO B 274 1.99 -32.63 -20.23
CA PRO B 274 1.24 -33.88 -20.09
C PRO B 274 0.13 -33.79 -19.05
N PHE B 275 -0.80 -32.85 -19.27
CA PHE B 275 -2.07 -32.79 -18.57
C PHE B 275 -3.12 -33.04 -19.63
N GLU B 276 -4.24 -33.65 -19.25
CA GLU B 276 -5.37 -33.76 -20.14
C GLU B 276 -6.58 -33.25 -19.37
N ALA B 277 -7.47 -32.56 -20.10
CA ALA B 277 -8.72 -32.12 -19.53
C ALA B 277 -9.80 -33.17 -19.76
N ASN B 278 -10.73 -33.26 -18.80
CA ASN B 278 -11.84 -34.17 -18.95
C ASN B 278 -13.10 -33.51 -18.43
N LEU B 279 -14.10 -33.39 -19.32
CA LEU B 279 -15.36 -32.73 -18.98
C LEU B 279 -16.11 -33.49 -17.91
N GLU B 280 -16.12 -34.86 -18.03
CA GLU B 280 -16.85 -35.68 -17.09
C GLU B 280 -16.36 -35.43 -15.66
N ARG B 281 -15.03 -35.49 -15.51
CA ARG B 281 -14.37 -35.14 -14.24
C ARG B 281 -14.75 -33.73 -13.78
N MET B 282 -14.79 -32.74 -14.70
CA MET B 282 -15.18 -31.39 -14.29
C MET B 282 -16.63 -31.38 -13.80
N LYS B 283 -17.51 -32.06 -14.56
CA LYS B 283 -18.91 -32.02 -14.18
C LYS B 283 -19.09 -32.66 -12.80
N ALA B 284 -18.26 -33.64 -12.48
CA ALA B 284 -18.26 -34.33 -11.18
C ALA B 284 -17.63 -33.52 -10.05
N GLY B 285 -17.15 -32.30 -10.34
CA GLY B 285 -16.63 -31.37 -9.33
C GLY B 285 -15.13 -31.53 -9.11
N GLY B 286 -14.46 -32.15 -10.09
CA GLY B 286 -13.04 -32.45 -10.01
C GLY B 286 -12.26 -31.37 -10.76
N HIS B 287 -10.91 -31.41 -10.68
CA HIS B 287 -10.06 -30.45 -11.38
C HIS B 287 -10.15 -30.55 -12.91
N HIS B 288 -9.89 -29.42 -13.57
CA HIS B 288 -9.86 -29.32 -15.03
C HIS B 288 -8.79 -30.24 -15.63
N TRP B 289 -7.63 -30.25 -15.03
CA TRP B 289 -6.42 -30.89 -15.53
C TRP B 289 -6.10 -32.07 -14.61
N ALA B 290 -5.50 -33.13 -15.19
CA ALA B 290 -4.86 -34.21 -14.43
C ALA B 290 -3.58 -34.57 -15.16
N TYR B 291 -2.48 -34.63 -14.39
CA TYR B 291 -1.19 -34.98 -14.95
C TYR B 291 -1.28 -36.44 -15.40
N ASP B 292 -0.59 -36.76 -16.50
CA ASP B 292 -0.59 -38.11 -17.00
C ASP B 292 0.83 -38.50 -17.34
N TYR B 293 1.40 -39.43 -16.53
CA TYR B 293 2.75 -39.93 -16.85
C TYR B 293 2.87 -40.56 -18.24
N THR B 294 1.76 -41.06 -18.81
CA THR B 294 1.80 -41.75 -20.11
C THR B 294 1.89 -40.78 -21.30
N LYS B 295 1.57 -39.50 -21.10
CA LYS B 295 1.66 -38.52 -22.18
C LYS B 295 3.08 -38.09 -22.45
N PRO B 296 3.62 -38.20 -23.70
CA PRO B 296 4.94 -37.64 -23.93
C PRO B 296 4.82 -36.13 -24.15
N ILE B 297 5.91 -35.40 -23.85
CA ILE B 297 6.01 -34.01 -24.27
C ILE B 297 5.83 -33.99 -25.79
N THR B 298 4.94 -33.05 -26.25
CA THR B 298 4.50 -33.01 -27.63
C THR B 298 4.58 -31.54 -28.09
N TRP B 299 5.08 -31.31 -29.31
CA TRP B 299 5.17 -30.03 -29.97
C TRP B 299 4.27 -30.02 -31.21
N ILE B 300 3.61 -28.88 -31.45
CA ILE B 300 2.89 -28.63 -32.70
C ILE B 300 3.65 -27.57 -33.48
N THR B 301 4.17 -27.95 -34.67
CA THR B 301 4.82 -26.93 -35.48
C THR B 301 3.73 -26.41 -36.43
N ILE B 302 3.59 -25.09 -36.48
CA ILE B 302 2.60 -24.39 -37.31
C ILE B 302 3.43 -23.48 -38.21
N PRO B 303 3.58 -23.85 -39.50
CA PRO B 303 4.20 -22.91 -40.45
C PRO B 303 3.51 -21.54 -40.41
N ARG B 304 4.31 -20.44 -40.31
CA ARG B 304 3.68 -19.13 -40.21
C ARG B 304 2.93 -18.79 -41.51
N GLY B 305 1.70 -18.33 -41.33
CA GLY B 305 0.78 -18.09 -42.46
C GLY B 305 0.32 -19.32 -43.25
N ALA B 306 0.40 -20.53 -42.65
CA ALA B 306 -0.18 -21.73 -43.21
C ALA B 306 -1.61 -21.53 -43.71
N LYS B 307 -1.87 -22.09 -44.90
CA LYS B 307 -3.20 -22.09 -45.52
C LYS B 307 -4.07 -23.30 -45.16
N SER B 308 -3.44 -24.37 -44.65
CA SER B 308 -4.17 -25.57 -44.28
C SER B 308 -3.63 -26.17 -42.97
N LYS B 309 -4.51 -26.77 -42.15
CA LYS B 309 -4.08 -27.52 -40.98
C LYS B 309 -3.27 -28.75 -41.41
N ASP B 310 -3.35 -29.11 -42.71
CA ASP B 310 -2.53 -30.21 -43.23
C ASP B 310 -1.03 -29.89 -43.15
N GLU B 311 -0.69 -28.59 -43.09
CA GLU B 311 0.68 -28.12 -42.98
C GLU B 311 1.28 -28.26 -41.56
N VAL B 312 0.41 -28.37 -40.55
CA VAL B 312 0.85 -28.52 -39.15
C VAL B 312 1.29 -29.98 -38.92
N LYS B 313 2.28 -30.16 -38.01
CA LYS B 313 2.87 -31.45 -37.64
C LYS B 313 2.96 -31.58 -36.12
N TYR B 314 2.72 -32.79 -35.59
CA TYR B 314 2.97 -33.14 -34.19
C TYR B 314 4.29 -33.91 -34.06
N TRP B 315 5.10 -33.49 -33.05
CA TRP B 315 6.35 -34.13 -32.73
C TRP B 315 6.31 -34.55 -31.26
N HIS B 316 6.98 -35.67 -30.92
CA HIS B 316 6.88 -36.22 -29.56
C HIS B 316 8.28 -36.55 -28.99
N TRP B 317 8.36 -36.45 -27.66
CA TRP B 317 9.58 -36.92 -27.00
C TRP B 317 9.19 -37.98 -25.97
N LYS B 318 9.30 -37.70 -24.65
CA LYS B 318 8.87 -38.60 -23.57
C LYS B 318 8.20 -37.77 -22.48
N ASN B 319 7.72 -38.40 -21.43
CA ASN B 319 6.96 -37.65 -20.40
C ASN B 319 7.90 -36.73 -19.59
N GLY B 320 7.37 -35.55 -19.23
CA GLY B 320 8.00 -34.56 -18.38
C GLY B 320 7.28 -33.20 -18.57
N MET B 321 7.77 -32.14 -17.90
CA MET B 321 7.03 -30.87 -17.85
C MET B 321 8.01 -29.77 -18.21
N PRO B 322 8.10 -29.40 -19.51
CA PRO B 322 8.87 -28.22 -19.86
C PRO B 322 7.99 -27.00 -19.65
N ILE B 323 8.36 -26.11 -18.71
CA ILE B 323 7.36 -25.15 -18.23
C ILE B 323 7.32 -23.93 -19.15
N HIS B 324 8.47 -23.32 -19.45
CA HIS B 324 8.62 -22.06 -20.17
C HIS B 324 9.80 -22.16 -21.11
N THR B 325 9.61 -21.61 -22.30
CA THR B 325 10.66 -21.51 -23.30
C THR B 325 11.44 -20.24 -23.01
N ALA B 326 12.72 -20.26 -23.32
CA ALA B 326 13.51 -19.06 -23.33
C ALA B 326 13.16 -18.34 -24.62
N SER B 327 13.67 -18.88 -25.76
CA SER B 327 13.00 -18.63 -27.04
C SER B 327 13.33 -19.74 -28.05
N GLY B 328 12.98 -19.50 -29.32
CA GLY B 328 13.40 -20.39 -30.39
C GLY B 328 14.07 -19.68 -31.57
N PHE B 329 14.58 -20.50 -32.48
CA PHE B 329 15.12 -19.94 -33.72
C PHE B 329 15.31 -21.08 -34.70
N GLU B 330 15.76 -20.76 -35.94
CA GLU B 330 16.08 -21.81 -36.88
C GLU B 330 17.57 -21.70 -37.20
N ASP B 331 18.27 -22.81 -37.06
CA ASP B 331 19.72 -22.81 -37.28
C ASP B 331 20.01 -22.71 -38.79
N GLU B 332 21.32 -22.75 -39.14
CA GLU B 332 21.82 -22.70 -40.53
C GLU B 332 21.10 -23.64 -41.51
N GLN B 333 20.78 -24.85 -41.01
CA GLN B 333 20.20 -25.94 -41.78
C GLN B 333 18.71 -26.10 -41.45
N GLY B 334 18.07 -25.03 -40.96
CA GLY B 334 16.62 -24.86 -40.84
C GLY B 334 16.01 -25.61 -39.65
N ARG B 335 16.87 -26.15 -38.78
CA ARG B 335 16.33 -26.89 -37.64
C ARG B 335 15.80 -25.90 -36.59
N ILE B 336 14.63 -26.20 -36.03
CA ILE B 336 14.00 -25.49 -34.93
C ILE B 336 14.73 -25.85 -33.64
N ILE B 337 15.30 -24.83 -33.00
CA ILE B 337 16.06 -25.01 -31.78
C ILE B 337 15.33 -24.18 -30.73
N ILE B 338 14.89 -24.83 -29.66
CA ILE B 338 14.14 -24.14 -28.60
C ILE B 338 14.81 -24.51 -27.26
N ASP B 339 15.01 -23.54 -26.36
CA ASP B 339 15.48 -23.88 -25.02
C ASP B 339 14.31 -23.66 -24.07
N SER B 340 14.26 -24.48 -23.02
CA SER B 340 13.15 -24.48 -22.07
C SER B 340 13.62 -25.02 -20.74
N SER B 341 12.83 -24.74 -19.68
CA SER B 341 13.06 -25.56 -18.52
C SER B 341 12.47 -26.95 -18.78
N LEU B 342 12.94 -27.94 -18.02
CA LEU B 342 12.41 -29.30 -18.03
C LEU B 342 12.47 -29.84 -16.59
N VAL B 343 11.31 -30.17 -16.10
CA VAL B 343 11.08 -30.76 -14.79
C VAL B 343 10.57 -32.16 -15.05
N HIS B 344 11.24 -33.14 -14.41
CA HIS B 344 11.09 -34.53 -14.78
C HIS B 344 10.04 -35.15 -13.86
N GLY B 345 8.76 -34.77 -14.09
CA GLY B 345 7.71 -34.95 -13.11
C GLY B 345 6.77 -33.76 -13.07
N ASN B 346 5.90 -33.77 -12.06
CA ASN B 346 4.82 -32.79 -12.07
C ASN B 346 5.20 -31.58 -11.22
N ALA B 347 5.39 -30.43 -11.88
CA ALA B 347 5.69 -29.19 -11.15
C ALA B 347 4.44 -28.52 -10.53
N PHE B 348 3.21 -28.96 -10.98
CA PHE B 348 1.93 -28.53 -10.39
C PHE B 348 1.32 -29.75 -9.70
N PRO B 349 1.84 -30.20 -8.53
CA PRO B 349 1.31 -31.38 -7.88
C PRO B 349 -0.11 -31.22 -7.36
N PHE B 350 -0.60 -29.97 -7.31
CA PHE B 350 -1.95 -29.63 -6.87
C PHE B 350 -2.97 -30.05 -7.95
N PHE B 351 -2.50 -30.38 -9.18
CA PHE B 351 -3.28 -31.08 -10.21
C PHE B 351 -2.73 -32.50 -10.39
N PRO B 352 -3.03 -33.43 -9.45
CA PRO B 352 -2.46 -34.77 -9.56
C PRO B 352 -3.06 -35.62 -10.70
N PRO B 353 -2.45 -36.80 -11.03
CA PRO B 353 -3.09 -37.77 -11.91
C PRO B 353 -4.45 -38.21 -11.39
N ASP B 354 -5.28 -38.74 -12.30
CA ASP B 354 -6.55 -39.37 -11.94
C ASP B 354 -6.38 -40.69 -11.21
N SER B 355 -5.51 -41.58 -11.73
CA SER B 355 -5.60 -42.98 -11.30
C SER B 355 -4.81 -43.14 -10.01
N ASP B 356 -5.23 -44.11 -9.18
CA ASP B 356 -4.56 -44.39 -7.92
C ASP B 356 -3.10 -44.70 -8.21
N GLU B 357 -2.87 -45.49 -9.26
CA GLU B 357 -1.54 -45.90 -9.68
C GLU B 357 -0.61 -44.68 -9.92
N GLN B 358 -1.06 -43.72 -10.73
CA GLN B 358 -0.23 -42.55 -11.05
C GLN B 358 -0.10 -41.60 -9.87
N LYS B 359 -1.16 -41.53 -9.05
CA LYS B 359 -1.15 -40.74 -7.82
C LYS B 359 -0.06 -41.23 -6.90
N LYS B 360 0.05 -42.56 -6.78
CA LYS B 360 1.05 -43.11 -5.91
C LYS B 360 2.45 -42.76 -6.44
N LYS B 361 2.62 -42.77 -7.76
CA LYS B 361 3.90 -42.48 -8.38
C LYS B 361 4.37 -41.02 -8.15
N GLN B 362 3.48 -40.07 -8.38
CA GLN B 362 3.70 -38.67 -7.99
C GLN B 362 4.18 -38.59 -6.54
N GLU B 363 3.45 -39.24 -5.60
CA GLU B 363 3.77 -39.08 -4.20
C GLU B 363 5.10 -39.78 -3.94
N ALA B 364 5.28 -40.96 -4.54
CA ALA B 364 6.52 -41.73 -4.46
C ALA B 364 7.73 -40.90 -4.86
N ASP B 365 7.63 -40.20 -5.99
CA ASP B 365 8.84 -39.78 -6.70
C ASP B 365 9.37 -38.44 -6.19
N GLY B 366 8.68 -37.84 -5.21
CA GLY B 366 9.09 -36.68 -4.45
C GLY B 366 9.31 -35.46 -5.35
N THR B 367 10.27 -34.58 -5.00
CA THR B 367 10.60 -33.40 -5.78
C THR B 367 11.29 -33.85 -7.07
N PRO B 368 10.72 -33.50 -8.26
CA PRO B 368 11.33 -33.87 -9.54
C PRO B 368 12.70 -33.26 -9.78
N LYS B 369 13.54 -33.99 -10.51
CA LYS B 369 14.73 -33.37 -11.07
C LYS B 369 14.28 -32.22 -11.97
N ALA B 370 15.05 -31.10 -11.98
CA ALA B 370 14.75 -29.94 -12.81
C ALA B 370 16.02 -29.34 -13.40
N GLN B 371 15.94 -29.00 -14.69
CA GLN B 371 17.06 -28.56 -15.53
C GLN B 371 16.61 -27.51 -16.56
N PHE B 372 17.57 -26.99 -17.35
CA PHE B 372 17.32 -26.11 -18.47
C PHE B 372 17.88 -26.89 -19.67
N VAL B 373 17.04 -27.05 -20.73
CA VAL B 373 17.37 -27.95 -21.86
C VAL B 373 17.19 -27.27 -23.22
N ARG B 374 17.91 -27.76 -24.26
CA ARG B 374 17.75 -27.36 -25.64
C ARG B 374 17.18 -28.52 -26.47
N TRP B 375 16.07 -28.25 -27.18
CA TRP B 375 15.37 -29.20 -28.05
C TRP B 375 15.74 -28.96 -29.51
N THR B 376 15.83 -30.02 -30.30
CA THR B 376 16.04 -29.91 -31.75
C THR B 376 14.89 -30.62 -32.50
N ILE B 377 14.11 -29.84 -33.26
CA ILE B 377 13.04 -30.29 -34.13
C ILE B 377 13.44 -29.98 -35.57
N ASP B 378 13.99 -31.00 -36.20
CA ASP B 378 14.44 -30.84 -37.59
C ASP B 378 13.27 -31.11 -38.52
N PRO B 379 12.68 -30.10 -39.21
CA PRO B 379 11.50 -30.32 -40.05
C PRO B 379 11.72 -31.16 -41.32
N ARG B 380 12.98 -31.52 -41.61
CA ARG B 380 13.26 -32.42 -42.73
C ARG B 380 12.97 -33.89 -42.36
N LYS B 381 12.89 -34.15 -41.05
CA LYS B 381 12.73 -35.51 -40.55
C LYS B 381 11.24 -35.83 -40.46
N ASP B 382 10.95 -37.13 -40.46
CA ASP B 382 9.63 -37.67 -40.25
C ASP B 382 9.19 -37.36 -38.81
N ASN B 383 8.09 -36.60 -38.68
CA ASN B 383 7.58 -36.22 -37.38
C ASN B 383 7.03 -37.40 -36.59
N ASN B 384 6.79 -38.57 -37.26
CA ASN B 384 6.42 -39.79 -36.56
C ASN B 384 7.56 -40.41 -35.74
N GLU B 385 8.80 -40.00 -36.02
CA GLU B 385 9.95 -40.50 -35.27
C GLU B 385 10.04 -39.72 -33.97
N GLN B 386 10.30 -40.41 -32.86
CA GLN B 386 10.58 -39.77 -31.59
C GLN B 386 11.72 -38.76 -31.75
N LEU B 387 11.49 -37.57 -31.16
CA LEU B 387 12.51 -36.54 -31.10
C LEU B 387 13.80 -37.02 -30.43
N PRO B 388 14.97 -36.46 -30.79
CA PRO B 388 16.19 -36.65 -29.99
C PRO B 388 16.06 -36.09 -28.58
N ASP B 389 16.81 -36.71 -27.64
CA ASP B 389 16.84 -36.27 -26.26
C ASP B 389 17.34 -34.83 -26.24
N PRO B 390 16.78 -33.94 -25.37
CA PRO B 390 17.25 -32.56 -25.34
C PRO B 390 18.63 -32.42 -24.70
N GLU B 391 19.36 -31.37 -25.05
CA GLU B 391 20.69 -31.18 -24.48
C GLU B 391 20.55 -30.46 -23.15
N VAL B 392 21.32 -30.90 -22.14
CA VAL B 392 21.35 -30.22 -20.86
C VAL B 392 22.27 -28.99 -20.97
N ILE B 393 21.63 -27.81 -20.77
CA ILE B 393 22.31 -26.50 -20.83
C ILE B 393 22.69 -26.05 -19.43
N LEU B 394 21.72 -26.08 -18.50
CA LEU B 394 21.98 -25.81 -17.11
C LEU B 394 21.44 -26.98 -16.30
N ASP B 395 22.35 -27.52 -15.50
CA ASP B 395 21.99 -28.66 -14.72
C ASP B 395 21.52 -28.23 -13.36
N THR B 396 20.57 -27.29 -13.34
CA THR B 396 20.03 -26.88 -12.05
C THR B 396 18.59 -26.48 -12.25
N PRO B 397 17.77 -26.48 -11.17
CA PRO B 397 16.41 -25.96 -11.30
C PRO B 397 16.40 -24.54 -11.85
N SER B 398 15.59 -24.35 -12.92
CA SER B 398 15.58 -23.18 -13.76
C SER B 398 14.13 -22.90 -14.14
N GLU B 399 13.77 -21.62 -14.13
CA GLU B 399 12.42 -21.23 -14.51
C GLU B 399 12.37 -19.77 -14.93
N PHE B 400 11.18 -19.36 -15.40
CA PHE B 400 10.89 -17.99 -15.87
C PHE B 400 12.06 -17.39 -16.65
N PRO B 401 12.48 -18.05 -17.76
CA PRO B 401 13.50 -17.48 -18.62
C PRO B 401 12.96 -16.33 -19.50
N GLN B 402 13.78 -15.29 -19.71
CA GLN B 402 13.47 -14.30 -20.74
C GLN B 402 14.70 -14.09 -21.61
N ILE B 403 14.50 -13.41 -22.73
CA ILE B 403 15.62 -13.11 -23.62
C ILE B 403 15.82 -11.59 -23.81
N ASP B 404 16.74 -11.25 -24.75
CA ASP B 404 16.82 -9.90 -25.29
C ASP B 404 15.78 -9.85 -26.41
N ASN B 405 14.63 -9.20 -26.17
CA ASN B 405 13.52 -9.27 -27.12
C ASN B 405 13.77 -8.60 -28.47
N ARG B 406 14.85 -7.82 -28.61
CA ARG B 406 15.24 -7.37 -29.95
C ARG B 406 15.62 -8.56 -30.86
N PHE B 407 15.65 -9.76 -30.27
CA PHE B 407 16.05 -11.00 -30.94
C PHE B 407 14.92 -12.01 -30.92
N MET B 408 13.71 -11.55 -30.59
CA MET B 408 12.56 -12.45 -30.56
C MET B 408 12.20 -12.89 -31.98
N GLY B 409 12.10 -14.23 -32.17
CA GLY B 409 11.63 -14.83 -33.41
C GLY B 409 12.77 -14.99 -34.44
N VAL B 410 14.00 -14.69 -34.04
CA VAL B 410 15.21 -14.91 -34.89
C VAL B 410 16.27 -15.53 -33.97
N GLU B 411 17.44 -15.87 -34.51
CA GLU B 411 18.56 -16.40 -33.69
C GLU B 411 18.87 -15.47 -32.52
N TYR B 412 18.95 -16.09 -31.31
CA TYR B 412 19.23 -15.41 -30.05
C TYR B 412 20.31 -16.22 -29.32
N SER B 413 21.01 -15.53 -28.38
CA SER B 413 22.10 -16.06 -27.58
C SER B 413 21.90 -15.84 -26.09
N SER B 414 21.52 -14.61 -25.68
CA SER B 414 21.30 -14.33 -24.26
C SER B 414 20.00 -14.95 -23.71
N ALA B 415 20.10 -15.56 -22.52
CA ALA B 415 18.91 -15.88 -21.74
C ALA B 415 19.15 -15.50 -20.28
N PHE B 416 18.09 -14.97 -19.69
CA PHE B 416 18.17 -14.51 -18.31
C PHE B 416 17.15 -15.37 -17.59
N ILE B 417 17.61 -16.18 -16.61
CA ILE B 417 16.87 -17.38 -16.19
C ILE B 417 16.75 -17.25 -14.66
N ASN B 418 15.55 -17.52 -14.15
CA ASN B 418 15.42 -17.56 -12.69
C ASN B 418 15.93 -18.93 -12.24
N VAL B 419 16.78 -19.01 -11.20
CA VAL B 419 17.50 -20.24 -10.93
C VAL B 419 17.55 -20.53 -9.40
N PHE B 420 17.61 -21.84 -9.09
CA PHE B 420 18.19 -22.36 -7.85
C PHE B 420 19.70 -22.29 -8.01
N VAL B 421 20.35 -21.42 -7.23
CA VAL B 421 21.78 -21.19 -7.29
C VAL B 421 22.51 -22.50 -6.91
N PRO B 422 23.40 -23.03 -7.80
CA PRO B 422 24.20 -24.22 -7.48
C PRO B 422 24.99 -24.07 -6.17
N ASP B 423 24.84 -25.10 -5.34
CA ASP B 423 25.52 -25.31 -4.06
C ASP B 423 25.01 -24.34 -3.00
N ARG B 424 24.02 -23.49 -3.36
CA ARG B 424 23.45 -22.48 -2.46
C ARG B 424 21.93 -22.48 -2.55
N SER B 425 21.33 -23.66 -2.53
CA SER B 425 19.87 -23.76 -2.70
C SER B 425 19.42 -25.14 -2.24
N ASP B 426 18.11 -25.28 -1.95
CA ASP B 426 17.65 -26.49 -1.28
C ASP B 426 17.80 -27.74 -2.17
N GLY B 427 17.13 -27.78 -3.33
CA GLY B 427 16.98 -28.90 -4.25
C GLY B 427 15.63 -29.60 -4.07
N ASN B 428 15.22 -29.75 -2.80
CA ASN B 428 13.98 -30.45 -2.47
C ASN B 428 12.74 -29.56 -2.59
N LYS B 429 12.95 -28.28 -2.86
CA LYS B 429 11.85 -27.33 -3.07
C LYS B 429 11.23 -27.54 -4.44
N ASN B 430 9.89 -27.43 -4.48
CA ASN B 430 9.21 -27.29 -5.78
C ASN B 430 9.89 -26.22 -6.63
N VAL B 431 9.87 -26.37 -7.97
CA VAL B 431 10.68 -25.51 -8.84
C VAL B 431 10.27 -24.04 -8.71
N PHE B 432 8.98 -23.77 -8.33
CA PHE B 432 8.52 -22.39 -8.19
C PHE B 432 8.90 -21.79 -6.82
N GLN B 433 9.43 -22.60 -5.91
CA GLN B 433 9.51 -22.23 -4.50
C GLN B 433 10.92 -22.04 -3.94
N GLY B 434 12.00 -22.24 -4.73
CA GLY B 434 13.34 -22.12 -4.18
C GLY B 434 14.23 -21.30 -5.13
N LEU B 435 13.57 -20.48 -5.98
CA LEU B 435 14.26 -19.68 -6.98
C LEU B 435 14.95 -18.51 -6.27
N ASN B 436 16.27 -18.67 -6.05
CA ASN B 436 16.95 -17.69 -5.22
C ASN B 436 18.11 -17.00 -5.97
N GLY B 437 18.15 -17.15 -7.28
CA GLY B 437 19.21 -16.52 -8.08
C GLY B 437 18.77 -16.20 -9.50
N LEU B 438 19.63 -15.45 -10.22
CA LEU B 438 19.46 -15.32 -11.65
C LEU B 438 20.69 -15.87 -12.35
N ALA B 439 20.50 -16.28 -13.59
CA ALA B 439 21.65 -16.64 -14.44
C ALA B 439 21.56 -15.89 -15.77
N HIS B 440 22.71 -15.38 -16.25
CA HIS B 440 22.83 -14.89 -17.60
C HIS B 440 23.64 -15.90 -18.41
N TYR B 441 22.93 -16.65 -19.27
CA TYR B 441 23.55 -17.64 -20.13
C TYR B 441 23.70 -17.00 -21.50
N LYS B 442 24.87 -17.24 -22.14
CA LYS B 442 25.08 -16.79 -23.50
C LYS B 442 25.52 -18.00 -24.30
N ARG B 443 24.62 -18.46 -25.21
CA ARG B 443 24.84 -19.62 -26.04
C ARG B 443 26.10 -19.45 -26.91
N LYS B 444 26.31 -18.26 -27.45
CA LYS B 444 27.42 -18.10 -28.42
C LYS B 444 28.80 -18.22 -27.74
N GLU B 445 28.95 -17.63 -26.54
CA GLU B 445 30.14 -17.68 -25.71
C GLU B 445 30.19 -19.00 -24.91
N GLY B 446 29.02 -19.63 -24.71
CA GLY B 446 28.92 -20.78 -23.84
C GLY B 446 29.18 -20.45 -22.36
N THR B 447 28.97 -19.17 -21.97
CA THR B 447 29.24 -18.73 -20.60
C THR B 447 27.92 -18.63 -19.81
N THR B 448 28.00 -18.87 -18.49
CA THR B 448 26.92 -18.54 -17.56
C THR B 448 27.47 -17.63 -16.46
N GLU B 449 26.73 -16.54 -16.15
CA GLU B 449 27.07 -15.77 -14.96
C GLU B 449 25.85 -15.78 -14.03
N TRP B 450 26.07 -15.48 -12.75
CA TRP B 450 25.11 -15.82 -11.70
C TRP B 450 24.99 -14.65 -10.76
N TYR B 451 23.74 -14.41 -10.31
CA TYR B 451 23.41 -13.40 -9.33
C TYR B 451 22.70 -14.13 -8.19
N TYR B 452 23.19 -13.93 -6.97
CA TYR B 452 22.57 -14.56 -5.81
C TYR B 452 21.70 -13.50 -5.13
N ALA B 453 20.42 -13.87 -4.86
CA ALA B 453 19.41 -12.97 -4.30
C ALA B 453 19.83 -12.53 -2.88
N GLY B 454 20.56 -13.41 -2.17
CA GLY B 454 20.89 -13.11 -0.78
C GLY B 454 20.34 -14.15 0.17
N ASP B 455 20.93 -14.15 1.37
CA ASP B 455 20.37 -14.98 2.43
C ASP B 455 18.97 -14.44 2.78
N ASN B 456 18.05 -15.39 2.98
CA ASN B 456 16.64 -15.17 3.35
C ASN B 456 15.92 -14.31 2.32
N CYS B 457 16.24 -14.61 1.05
CA CYS B 457 15.65 -13.95 -0.10
C CYS B 457 15.27 -14.98 -1.15
N LEU B 458 14.23 -14.63 -1.90
CA LEU B 458 13.93 -15.24 -3.19
C LEU B 458 13.89 -14.14 -4.24
N ILE B 459 14.06 -14.53 -5.52
CA ILE B 459 14.08 -13.55 -6.60
C ILE B 459 13.16 -14.10 -7.68
N GLN B 460 12.41 -13.20 -8.31
CA GLN B 460 11.39 -13.56 -9.29
C GLN B 460 12.01 -13.39 -10.69
N GLU B 461 11.14 -13.51 -11.68
CA GLU B 461 11.53 -13.47 -13.09
C GLU B 461 12.33 -12.21 -13.47
N PRO B 462 13.45 -12.36 -14.21
CA PRO B 462 14.20 -11.23 -14.72
C PRO B 462 13.62 -10.68 -16.03
N VAL B 463 13.83 -9.37 -16.19
CA VAL B 463 13.53 -8.65 -17.42
C VAL B 463 14.77 -7.85 -17.80
N PHE B 464 14.94 -7.70 -19.11
CA PHE B 464 16.10 -7.07 -19.69
C PHE B 464 15.73 -5.77 -20.41
N SER B 465 16.55 -4.73 -20.22
CA SER B 465 16.43 -3.48 -20.96
C SER B 465 17.79 -3.22 -21.62
N PRO B 466 17.90 -3.02 -22.94
CA PRO B 466 19.23 -2.77 -23.51
C PRO B 466 19.80 -1.42 -23.08
N ARG B 467 21.15 -1.31 -23.05
CA ARG B 467 21.85 -0.12 -22.56
C ARG B 467 21.47 1.09 -23.45
N SER B 468 21.39 0.82 -24.76
CA SER B 468 20.95 1.77 -25.77
C SER B 468 20.37 0.95 -26.92
N LYS B 469 19.78 1.64 -27.90
CA LYS B 469 19.00 0.99 -28.95
C LYS B 469 19.88 -0.03 -29.68
N ASP B 470 21.15 0.32 -29.93
CA ASP B 470 22.06 -0.50 -30.73
C ASP B 470 23.15 -1.14 -29.86
N ALA B 471 22.91 -1.27 -28.53
CA ALA B 471 23.81 -2.01 -27.63
C ALA B 471 23.98 -3.43 -28.15
N PRO B 472 25.13 -4.14 -27.99
CA PRO B 472 25.19 -5.59 -28.25
C PRO B 472 24.06 -6.37 -27.56
N GLU B 473 23.71 -7.54 -28.13
CA GLU B 473 22.75 -8.45 -27.48
C GLU B 473 23.11 -8.74 -26.01
N GLY B 474 22.16 -8.45 -25.09
CA GLY B 474 22.37 -8.81 -23.70
C GLY B 474 23.25 -7.83 -22.94
N ASP B 475 23.50 -6.65 -23.52
CA ASP B 475 24.24 -5.56 -22.89
C ASP B 475 23.26 -4.53 -22.36
N GLY B 476 23.20 -4.40 -21.05
CA GLY B 476 22.06 -3.69 -20.52
C GLY B 476 21.86 -3.97 -19.05
N PHE B 477 20.59 -3.81 -18.65
CA PHE B 477 20.19 -3.86 -17.26
C PHE B 477 19.13 -4.95 -17.13
N VAL B 478 19.26 -5.73 -16.05
CA VAL B 478 18.30 -6.76 -15.69
C VAL B 478 17.66 -6.30 -14.39
N LEU B 479 16.33 -6.44 -14.32
CA LEU B 479 15.53 -6.04 -13.16
C LEU B 479 14.81 -7.28 -12.68
N ALA B 480 14.65 -7.43 -11.33
CA ALA B 480 13.80 -8.49 -10.87
C ALA B 480 13.30 -8.07 -9.48
N ILE B 481 12.18 -8.67 -9.06
CA ILE B 481 11.68 -8.42 -7.71
C ILE B 481 12.37 -9.39 -6.73
N VAL B 482 12.85 -8.84 -5.61
CA VAL B 482 13.36 -9.65 -4.50
C VAL B 482 12.40 -9.54 -3.32
N ASP B 483 12.06 -10.71 -2.76
CA ASP B 483 11.32 -10.79 -1.51
C ASP B 483 12.35 -10.77 -0.36
N ARG B 484 12.30 -9.74 0.47
CA ARG B 484 13.14 -9.66 1.68
C ARG B 484 12.33 -10.30 2.80
N LEU B 485 12.50 -11.62 2.97
CA LEU B 485 11.55 -12.49 3.69
C LEU B 485 11.43 -12.07 5.16
N ASP B 486 12.56 -11.71 5.76
CA ASP B 486 12.67 -11.30 7.15
C ASP B 486 12.22 -9.84 7.40
N LEU B 487 12.08 -9.03 6.34
CA LEU B 487 11.79 -7.61 6.50
C LEU B 487 10.36 -7.24 6.10
N ASN B 488 9.58 -8.23 5.63
CA ASN B 488 8.24 -7.99 5.12
C ASN B 488 8.25 -6.86 4.08
N ARG B 489 9.15 -6.93 3.07
CA ARG B 489 9.03 -5.96 2.01
C ARG B 489 9.60 -6.60 0.73
N SER B 490 9.27 -5.96 -0.38
CA SER B 490 9.78 -6.42 -1.66
C SER B 490 10.63 -5.30 -2.23
N GLU B 491 11.56 -5.64 -3.16
CA GLU B 491 12.42 -4.59 -3.68
C GLU B 491 12.70 -4.98 -5.12
N VAL B 492 13.01 -4.00 -5.97
CA VAL B 492 13.44 -4.29 -7.35
C VAL B 492 14.94 -4.08 -7.39
N VAL B 493 15.65 -5.13 -7.82
CA VAL B 493 17.07 -5.00 -7.98
C VAL B 493 17.30 -4.64 -9.44
N VAL B 494 18.43 -3.95 -9.65
CA VAL B 494 18.85 -3.54 -10.96
C VAL B 494 20.30 -3.99 -11.08
N ILE B 495 20.57 -4.74 -12.14
CA ILE B 495 21.90 -5.29 -12.31
C ILE B 495 22.43 -4.85 -13.67
N ASP B 496 23.71 -4.45 -13.71
CA ASP B 496 24.33 -4.14 -14.99
C ASP B 496 24.97 -5.42 -15.53
N THR B 497 24.68 -5.79 -16.78
CA THR B 497 25.22 -7.03 -17.35
C THR B 497 26.75 -7.02 -17.42
N ARG B 498 27.37 -5.84 -17.32
CA ARG B 498 28.82 -5.80 -17.29
C ARG B 498 29.35 -6.38 -15.99
N ASP B 499 28.52 -6.42 -14.92
CA ASP B 499 28.89 -7.22 -13.78
C ASP B 499 27.64 -7.86 -13.17
N PHE B 500 27.31 -9.04 -13.70
CA PHE B 500 26.08 -9.77 -13.39
C PHE B 500 25.96 -10.19 -11.92
N THR B 501 27.10 -10.30 -11.20
CA THR B 501 27.11 -10.73 -9.80
C THR B 501 26.59 -9.66 -8.83
N LYS B 502 26.45 -8.39 -9.26
CA LYS B 502 26.26 -7.26 -8.35
C LYS B 502 25.08 -6.37 -8.75
N ALA B 503 24.26 -5.99 -7.76
CA ALA B 503 23.25 -4.97 -7.97
C ALA B 503 23.84 -3.56 -7.98
N VAL B 504 23.46 -2.74 -8.97
CA VAL B 504 23.81 -1.34 -9.03
C VAL B 504 22.84 -0.52 -8.17
N ALA B 505 21.58 -0.99 -8.13
CA ALA B 505 20.58 -0.23 -7.38
C ALA B 505 19.52 -1.16 -6.82
N ALA B 506 18.76 -0.65 -5.85
CA ALA B 506 17.62 -1.36 -5.31
C ALA B 506 16.45 -0.39 -5.13
N VAL B 507 15.25 -0.70 -5.72
CA VAL B 507 14.09 0.12 -5.52
C VAL B 507 13.39 -0.49 -4.30
N GLN B 508 13.18 0.33 -3.26
CA GLN B 508 12.80 -0.22 -1.98
C GLN B 508 11.37 0.17 -1.69
N LEU B 509 10.43 -0.77 -1.88
CA LEU B 509 9.06 -0.50 -1.45
C LEU B 509 9.01 -0.44 0.08
N PRO B 510 8.03 0.29 0.68
CA PRO B 510 7.86 0.23 2.11
C PRO B 510 7.05 -0.98 2.57
N PHE B 511 6.74 -1.89 1.65
CA PHE B 511 5.89 -3.06 1.92
C PHE B 511 6.28 -4.18 0.97
N ALA B 512 5.73 -5.40 1.26
CA ALA B 512 5.80 -6.56 0.38
C ALA B 512 4.60 -6.62 -0.55
N ILE B 513 4.84 -7.07 -1.80
CA ILE B 513 3.81 -7.42 -2.75
C ILE B 513 3.86 -8.97 -2.96
N ARG B 514 2.80 -9.54 -3.54
CA ARG B 514 2.69 -10.97 -3.82
C ARG B 514 3.87 -11.38 -4.70
N SER B 515 4.35 -12.62 -4.52
CA SER B 515 5.29 -13.15 -5.54
C SER B 515 4.45 -13.35 -6.79
N GLY B 516 4.97 -12.89 -7.94
CA GLY B 516 4.11 -12.96 -9.13
C GLY B 516 4.54 -14.00 -10.16
N ILE B 517 4.04 -13.79 -11.35
CA ILE B 517 4.18 -14.77 -12.41
C ILE B 517 5.19 -14.18 -13.39
N HIS B 518 4.71 -13.51 -14.46
CA HIS B 518 5.57 -12.84 -15.40
C HIS B 518 5.51 -11.32 -15.21
N GLY B 519 6.49 -10.69 -15.86
CA GLY B 519 6.62 -9.26 -15.92
C GLY B 519 7.31 -8.93 -17.23
N GLN B 520 7.35 -7.64 -17.58
CA GLN B 520 7.92 -7.29 -18.87
C GLN B 520 8.57 -5.95 -18.68
N TRP B 521 9.72 -5.78 -19.40
CA TRP B 521 10.25 -4.44 -19.58
C TRP B 521 9.56 -3.86 -20.82
N ILE B 522 8.80 -2.80 -20.63
CA ILE B 522 8.09 -2.14 -21.71
C ILE B 522 8.77 -0.76 -21.94
N PRO B 523 9.55 -0.59 -23.04
CA PRO B 523 10.22 0.66 -23.29
C PRO B 523 9.28 1.84 -23.38
N GLY B 524 9.78 3.02 -22.94
CA GLY B 524 8.97 4.21 -23.03
C GLY B 524 8.51 4.51 -24.45
N GLU B 525 9.38 4.19 -25.43
CA GLU B 525 9.18 4.47 -26.85
C GLU B 525 7.94 3.77 -27.45
N VAL B 526 7.52 2.64 -26.85
CA VAL B 526 6.40 1.86 -27.33
C VAL B 526 5.17 2.12 -26.45
N THR B 527 5.32 3.04 -25.49
CA THR B 527 4.22 3.35 -24.58
C THR B 527 3.52 4.63 -25.04
N PRO B 528 2.21 4.63 -25.42
CA PRO B 528 1.51 5.88 -25.73
C PRO B 528 1.68 6.92 -24.61
N ASP B 529 2.09 8.17 -24.98
CA ASP B 529 2.12 9.33 -24.11
C ASP B 529 3.08 9.16 -22.94
N PHE B 530 4.14 8.35 -23.11
CA PHE B 530 5.12 8.10 -22.03
C PHE B 530 5.83 9.42 -21.68
N GLU B 531 5.99 10.29 -22.71
CA GLU B 531 6.69 11.58 -22.51
C GLU B 531 5.96 12.60 -21.64
N THR B 532 4.66 12.42 -21.50
CA THR B 532 3.77 13.40 -20.87
C THR B 532 2.99 12.87 -19.68
N LYS B 533 2.91 11.54 -19.51
CA LYS B 533 2.03 10.97 -18.49
C LYS B 533 2.88 10.08 -17.61
N GLY B 534 2.77 10.31 -16.29
CA GLY B 534 3.47 9.48 -15.32
C GLY B 534 2.44 8.50 -14.74
N LEU B 535 2.90 7.56 -13.90
CA LEU B 535 2.01 6.66 -13.18
C LEU B 535 1.15 7.42 -12.17
N VAL B 536 1.65 8.59 -11.73
CA VAL B 536 0.95 9.39 -10.73
C VAL B 536 0.66 10.76 -11.35
N ASP B 537 -0.57 11.24 -11.30
CA ASP B 537 -0.80 12.59 -11.84
C ASP B 537 -0.32 13.64 -10.85
N LEU B 538 0.36 14.68 -11.34
CA LEU B 538 0.88 15.71 -10.44
C LEU B 538 -0.32 16.49 -9.89
N PRO B 539 -0.26 17.06 -8.67
CA PRO B 539 -1.26 18.05 -8.27
C PRO B 539 -1.17 19.34 -9.11
N LYS B 540 -2.20 20.19 -8.97
CA LYS B 540 -2.28 21.41 -9.78
C LYS B 540 -1.20 22.39 -9.31
N GLU B 541 -0.77 23.27 -10.22
CA GLU B 541 0.22 24.28 -9.86
C GLU B 541 -0.36 25.36 -8.93
N GLU B 542 -1.50 25.92 -9.30
CA GLU B 542 -2.10 27.04 -8.56
C GLU B 542 -2.22 26.74 -7.06
N HIS B 543 -1.84 27.70 -6.21
CA HIS B 543 -1.98 27.60 -4.75
C HIS B 543 -3.45 27.56 -4.38
N TRP B 544 -3.82 26.66 -3.46
CA TRP B 544 -5.12 26.80 -2.80
C TRP B 544 -5.23 28.11 -2.02
N ALA B 545 -4.17 28.50 -1.31
CA ALA B 545 -4.36 29.53 -0.33
C ALA B 545 -4.04 30.91 -0.92
N PRO B 546 -4.66 32.00 -0.43
CA PRO B 546 -4.25 33.34 -0.88
C PRO B 546 -2.91 33.77 -0.25
N LEU B 547 -2.14 34.68 -0.90
CA LEU B 547 -0.94 35.28 -0.33
C LEU B 547 -1.12 35.80 1.10
N SER B 548 -2.28 36.38 1.41
CA SER B 548 -2.57 37.00 2.70
C SER B 548 -2.55 36.01 3.88
N GLN B 549 -2.59 34.70 3.58
CA GLN B 549 -2.60 33.65 4.60
C GLN B 549 -1.19 33.19 5.01
N SER B 550 -0.12 33.67 4.33
CA SER B 550 1.23 33.27 4.69
C SER B 550 1.58 33.78 6.08
N PRO B 551 2.17 32.93 6.98
CA PRO B 551 2.65 33.44 8.27
C PRO B 551 3.74 34.50 8.11
N TYR B 552 4.50 34.41 6.99
CA TYR B 552 5.70 35.21 6.75
C TYR B 552 5.28 36.53 6.11
N ASP B 553 5.87 37.61 6.66
CA ASP B 553 5.74 38.96 6.13
C ASP B 553 7.12 39.47 5.73
N PRO B 554 7.41 39.68 4.43
CA PRO B 554 8.70 40.21 4.02
C PRO B 554 9.07 41.56 4.65
N ASP B 555 8.09 42.31 5.19
CA ASP B 555 8.29 43.60 5.81
C ASP B 555 8.58 43.45 7.30
N ALA B 556 8.26 42.29 7.88
CA ALA B 556 8.36 42.09 9.33
C ALA B 556 9.82 42.08 9.84
#